data_1MVR
# 
_entry.id   1MVR 
# 
_audit_conform.dict_name       mmcif_pdbx.dic 
_audit_conform.dict_version    5.386 
_audit_conform.dict_location   http://mmcif.pdb.org/dictionaries/ascii/mmcif_pdbx.dic 
# 
loop_
_database_2.database_id 
_database_2.database_code 
_database_2.pdbx_database_accession 
_database_2.pdbx_DOI 
PDB   1MVR         pdb_00001mvr 10.2210/pdb1mvr/pdb 
RCSB  RCSB017225   ?            ?                   
WWPDB D_1000017225 ?            ?                   
# 
loop_
_pdbx_audit_revision_history.ordinal 
_pdbx_audit_revision_history.data_content_type 
_pdbx_audit_revision_history.major_revision 
_pdbx_audit_revision_history.minor_revision 
_pdbx_audit_revision_history.revision_date 
1 'Structure model' 1 0 2003-04-01 
2 'Structure model' 1 1 2008-04-28 
3 'Structure model' 1 2 2011-07-13 
4 'Structure model' 1 3 2018-07-18 
5 'Structure model' 1 4 2024-02-14 
# 
_pdbx_audit_revision_details.ordinal             1 
_pdbx_audit_revision_details.revision_ordinal    1 
_pdbx_audit_revision_details.data_content_type   'Structure model' 
_pdbx_audit_revision_details.provider            repository 
_pdbx_audit_revision_details.type                'Initial release' 
_pdbx_audit_revision_details.description         ? 
_pdbx_audit_revision_details.details             ? 
# 
loop_
_pdbx_audit_revision_group.ordinal 
_pdbx_audit_revision_group.revision_ordinal 
_pdbx_audit_revision_group.data_content_type 
_pdbx_audit_revision_group.group 
1 2 'Structure model' 'Version format compliance' 
2 3 'Structure model' 'Source and taxonomy'       
3 3 'Structure model' 'Version format compliance' 
4 4 'Structure model' 'Data collection'           
5 5 'Structure model' 'Data collection'           
6 5 'Structure model' 'Database references'       
7 5 'Structure model' 'Refinement description'    
# 
loop_
_pdbx_audit_revision_category.ordinal 
_pdbx_audit_revision_category.revision_ordinal 
_pdbx_audit_revision_category.data_content_type 
_pdbx_audit_revision_category.category 
1 4 'Structure model' em_image_scans                
2 4 'Structure model' em_software                   
3 5 'Structure model' chem_comp_atom                
4 5 'Structure model' chem_comp_bond                
5 5 'Structure model' database_2                    
6 5 'Structure model' em_3d_fitting_list            
7 5 'Structure model' pdbx_initial_refinement_model 
# 
loop_
_pdbx_audit_revision_item.ordinal 
_pdbx_audit_revision_item.revision_ordinal 
_pdbx_audit_revision_item.data_content_type 
_pdbx_audit_revision_item.item 
1 4 'Structure model' '_em_software.image_processing_id'                
2 5 'Structure model' '_database_2.pdbx_DOI'                            
3 5 'Structure model' '_database_2.pdbx_database_accession'             
4 5 'Structure model' '_em_3d_fitting_list.accession_code'              
5 5 'Structure model' '_em_3d_fitting_list.initial_refinement_model_id' 
6 5 'Structure model' '_em_3d_fitting_list.source_name'                 
7 5 'Structure model' '_em_3d_fitting_list.type'                        
# 
_pdbx_database_status.status_code                     REL 
_pdbx_database_status.entry_id                        1MVR 
_pdbx_database_status.recvd_initial_deposition_date   2002-09-26 
_pdbx_database_status.deposit_site                    RCSB 
_pdbx_database_status.process_site                    RCSB 
_pdbx_database_status.SG_entry                        . 
_pdbx_database_status.status_code_sf                  ? 
_pdbx_database_status.status_code_mr                  ? 
_pdbx_database_status.pdb_format_compatible           Y 
_pdbx_database_status.status_code_cs                  ? 
_pdbx_database_status.methods_development_category    ? 
_pdbx_database_status.status_code_nmr_data            ? 
# 
loop_
_pdbx_database_related.db_name 
_pdbx_database_related.db_id 
_pdbx_database_related.details 
_pdbx_database_related.content_type 
PDB  1GIX     
;Crystal structure of the Ribosome at 5.5 A resolution--30S Ribosome subunit,  
three tRNA, and mRNA molecules
;
unspecified            
PDB  1GIY     
;Crystal structure of the Ribosome at 5.5 A resolution--50S Ribosome subunit,  
three tRNA, and mRNA molecules
;
unspecified            
PDB  1MI6     
;Docking of the modified RF2 X-ray structure into the Low Resolution Cryo-EM map of  
RF2 E.coli 70S Ribosome Complex
;
unspecified            
PDB  1GQE     'Polypeptide chain Release Factor 2 (RF2) from E.coli' unspecified            
EMDB EMD-1006 . 'associated EM volume' 
EMDB EMD-1007 . 'associated EM volume' 
EMDB EMD-1008 . 'associated EM volume' 
EMDB EMD-1009 . 'associated EM volume' 
EMDB EMD-1010 . 'associated EM volume' 
# 
loop_
_audit_author.name 
_audit_author.pdbx_ordinal 
'Rawat, U.B.'     1 
'Zavialov, A.V.'  2 
'Sengupta, J.'    3 
'Valle, M.'       4 
'Grassucci, R.A.' 5 
'Linde, J.'       6 
'Vestergaard, B.' 7 
'Ehrenberg, M.'   8 
'Frank, J.'       9 
# 
loop_
_citation.id 
_citation.title 
_citation.journal_abbrev 
_citation.journal_volume 
_citation.page_first 
_citation.page_last 
_citation.year 
_citation.journal_id_ASTM 
_citation.country 
_citation.journal_id_ISSN 
_citation.journal_id_CSD 
_citation.book_publisher 
_citation.pdbx_database_id_PubMed 
_citation.pdbx_database_id_DOI 
primary 'A cryo-electron microscopic study of ribosome-bound termination factor RF2' Nature                  421 87  90  2003 
NATUAS UK 0028-0836 0006 ? 12511960 10.1038/nature01224 
1       'Crystal structure of the ribosome at 5.5 A resolution'                      Science                 292 883 896 2001 
SCIEAS US 0036-8075 0038 ? ?        ?                   
2       'The path of messenger RNA through the ribosome'                             'Cell(Cambridge,Mass.)' 106 233 241 2001 
CELLB5 US 0092-8674 0998 ? ?        ?                   
# 
loop_
_citation_author.citation_id 
_citation_author.name 
_citation_author.ordinal 
_citation_author.identifier_ORCID 
primary 'Rawat, U.B.'     1  ? 
primary 'Zavialov, A.V.'  2  ? 
primary 'Sengupta, J.'    3  ? 
primary 'Valle, M.'       4  ? 
primary 'Grassucci, R.A.' 5  ? 
primary 'Linde, J.'       6  ? 
primary 'Vestergaard, B.' 7  ? 
primary 'Ehrenberg, M.'   8  ? 
primary 'Frank, J.'       9  ? 
1       'Yusupov, M.M.'   10 ? 
1       'Yusupova, G.Z.'  11 ? 
1       'Baucom, A.'      12 ? 
1       'Lieberman, K.'   13 ? 
1       'Earnest, T.N.'   14 ? 
1       'Cate, J.H.'      15 ? 
1       'Noller, H.'      16 ? 
2       'Yusupova, G.Z.'  17 ? 
2       'Yusupov, M.M.'   18 ? 
2       'Cate, J.H.'      19 ? 
2       'Noller, H.'      20 ? 
# 
loop_
_entity.id 
_entity.type 
_entity.src_method 
_entity.pdbx_description 
_entity.formula_weight 
_entity.pdbx_number_of_molecules 
_entity.pdbx_ec 
_entity.pdbx_mutation 
_entity.pdbx_fragment 
_entity.details 
1 polymer nat 'mRNA, triplet codon (A-site)' 873.540   1 ? ? ? 'based on coordinates from 1GIX, 30S Subunit' 
2 polymer nat 'Helix 34 of 16S rRNA'         14465.605 1 ? ? ? 'based on coordinates from 1GIX, 30S Subunit' 
3 polymer nat 'Helix 44 of 16S rRNA'         31208.639 1 ? ? ? 'based on coordinates from 1GIX, 30S Subunit' 
4 polymer nat 'Helix 69 of 23S rRNA'         6077.673  1 ? ? ? 'based on coordinates from 1GIY, 50S Subunit' 
5 polymer nat 'Helix 89 of 23S rRNA'         18996.311 1 ? ? ? 'based on coordinates from 1GIY, 50S Subunit' 
6 polymer nat 'Helix 93 of 23S rRNA'         8706.199  1 ? ? ? 'based on coordinates from 1GIY, 50S Subunit' 
7 polymer nat '30S RIBOSOMAL PROTEIN S12'    14920.754 1 ? ? ? 'based on coordinates from 1GIX, 30S Subunit' 
8 polymer nat '50S ribosomal protein L11'    14980.726 1 ? ? ? 'based on coordinates from 1GIY, 50S Subunit' 
# 
loop_
_entity_poly.entity_id 
_entity_poly.type 
_entity_poly.nstd_linkage 
_entity_poly.nstd_monomer 
_entity_poly.pdbx_seq_one_letter_code 
_entity_poly.pdbx_seq_one_letter_code_can 
_entity_poly.pdbx_strand_id 
_entity_poly.pdbx_target_identifier 
1 polyribonucleotide no no UUU UUU 1 ? 
2 polyribonucleotide no no AGGUGCUGCAUGGCCGUCGUCAACGACGUCUGGUCAGCAUGGCCC AGGUGCUGCAUGGCCGUCGUCAACGACGUCUGGUCAGCAUGGCCC A ? 
3 polyribonucleotide no no 
;CGCCCGUCACGCCAUGGGAGCGGGCUCUACCCGAAGUCGCCGGGAGCCUACGGGCAGGCGCCGAGGGUAGGGCCCGUGAC
UGGGGCGAAGUCGUAA
;
;CGCCCGUCACGCCAUGGGAGCGGGCUCUACCCGAAGUCGCCGGGAGCCUACGGGCAGGCGCCGAGGGUAGGGCCCGUGAC
UGGGGCGAAGUCGUAA
;
B ? 
4 polyribonucleotide no no GGCCGUAACUAUAACGGUC GGCCGUAACUAUAACGGUC C ? 
5 polyribonucleotide no no AUAACAGGCUGAUCUCCCCCGAGCGUCCACAGCGGCGGGGAGGUUUGGCACCUCGAUGU 
AUAACAGGCUGAUCUCCCCCGAGCGUCCACAGCGGCGGGGAGGUUUGGCACCUCGAUGU D ? 
6 polyribonucleotide no no GUUCAGAACGUCGUGAGACAGUUCGGU GUUCAGAACGUCGUGAGACAGUUCGGU E ? 
7 'polypeptide(L)'   no no 
;MVALPTINQLVRKGREKVRKKSKVPALKGAPFRRGVCTVVRTVTPKKPNSALRKVAKVRLTSGYEVTAYIPGEGHNLQEH
SVVLIRGGRVKDLPGVRYHIVRGVYDAAGVKDRKKSRSKYGTKKPKEAAKTAAKK
;
;MVALPTINQLVRKGREKVRKKSKVPALKGAPFRRGVCTVVRTVTPKKPNSALRKVAKVRLTSGYEVTAYIPGEGHNLQEH
SVVLIRGGRVKDLPGVRYHIVRGVYDAAGVKDRKKSRSKYGTKKPKEAAKTAAKK
;
O ? 
8 'polypeptide(L)'   no no 
;AKKVAAQIKLQLPAGKATPAPPVGPALGQHGVNIMEFCKRFNAETADKAGMILPVVITVYEDKSFTFIIKTPPASFLLKK
AAGIEKGSSEPKRKIVGKVTRKQIEEIAKTKMPDLNANSLEAAMKIIEGTAKSMGIEVVD
;
;AKKVAAQIKLQLPAGKATPAPPVGPALGQHGVNIMEFCKRFNAETADKAGMILPVVITVYEDKSFTFIIKTPPASFLLKK
AAGIEKGSSEPKRKIVGKVTRKQIEEIAKTKMPDLNANSLEAAMKIIEGTAKSMGIEVVD
;
L ? 
# 
loop_
_entity_poly_seq.entity_id 
_entity_poly_seq.num 
_entity_poly_seq.mon_id 
_entity_poly_seq.hetero 
1 1   U   n 
1 2   U   n 
1 3   U   n 
2 1   A   n 
2 2   G   n 
2 3   G   n 
2 4   U   n 
2 5   G   n 
2 6   C   n 
2 7   U   n 
2 8   G   n 
2 9   C   n 
2 10  A   n 
2 11  U   n 
2 12  G   n 
2 13  G   n 
2 14  C   n 
2 15  C   n 
2 16  G   n 
2 17  U   n 
2 18  C   n 
2 19  G   n 
2 20  U   n 
2 21  C   n 
2 22  A   n 
2 23  A   n 
2 24  C   n 
2 25  G   n 
2 26  A   n 
2 27  C   n 
2 28  G   n 
2 29  U   n 
2 30  C   n 
2 31  U   n 
2 32  G   n 
2 33  G   n 
2 34  U   n 
2 35  C   n 
2 36  A   n 
2 37  G   n 
2 38  C   n 
2 39  A   n 
2 40  U   n 
2 41  G   n 
2 42  G   n 
2 43  C   n 
2 44  C   n 
2 45  C   n 
3 1   C   n 
3 2   G   n 
3 3   C   n 
3 4   C   n 
3 5   C   n 
3 6   G   n 
3 7   U   n 
3 8   C   n 
3 9   A   n 
3 10  C   n 
3 11  G   n 
3 12  C   n 
3 13  C   n 
3 14  A   n 
3 15  U   n 
3 16  G   n 
3 17  G   n 
3 18  G   n 
3 19  A   n 
3 20  G   n 
3 21  C   n 
3 22  G   n 
3 23  G   n 
3 24  G   n 
3 25  C   n 
3 26  U   n 
3 27  C   n 
3 28  U   n 
3 29  A   n 
3 30  C   n 
3 31  C   n 
3 32  C   n 
3 33  G   n 
3 34  A   n 
3 35  A   n 
3 36  G   n 
3 37  U   n 
3 38  C   n 
3 39  G   n 
3 40  C   n 
3 41  C   n 
3 42  G   n 
3 43  G   n 
3 44  G   n 
3 45  A   n 
3 46  G   n 
3 47  C   n 
3 48  C   n 
3 49  U   n 
3 50  A   n 
3 51  C   n 
3 52  G   n 
3 53  G   n 
3 54  G   n 
3 55  C   n 
3 56  A   n 
3 57  G   n 
3 58  G   n 
3 59  C   n 
3 60  G   n 
3 61  C   n 
3 62  C   n 
3 63  G   n 
3 64  A   n 
3 65  G   n 
3 66  G   n 
3 67  G   n 
3 68  U   n 
3 69  A   n 
3 70  G   n 
3 71  G   n 
3 72  G   n 
3 73  C   n 
3 74  C   n 
3 75  C   n 
3 76  G   n 
3 77  U   n 
3 78  G   n 
3 79  A   n 
3 80  C   n 
3 81  U   n 
3 82  G   n 
3 83  G   n 
3 84  G   n 
3 85  G   n 
3 86  C   n 
3 87  G   n 
3 88  A   n 
3 89  A   n 
3 90  G   n 
3 91  U   n 
3 92  C   n 
3 93  G   n 
3 94  U   n 
3 95  A   n 
3 96  A   n 
4 1   G   n 
4 2   G   n 
4 3   C   n 
4 4   C   n 
4 5   G   n 
4 6   U   n 
4 7   A   n 
4 8   A   n 
4 9   C   n 
4 10  U   n 
4 11  A   n 
4 12  U   n 
4 13  A   n 
4 14  A   n 
4 15  C   n 
4 16  G   n 
4 17  G   n 
4 18  U   n 
4 19  C   n 
5 1   A   n 
5 2   U   n 
5 3   A   n 
5 4   A   n 
5 5   C   n 
5 6   A   n 
5 7   G   n 
5 8   G   n 
5 9   C   n 
5 10  U   n 
5 11  G   n 
5 12  A   n 
5 13  U   n 
5 14  C   n 
5 15  U   n 
5 16  C   n 
5 17  C   n 
5 18  C   n 
5 19  C   n 
5 20  C   n 
5 21  G   n 
5 22  A   n 
5 23  G   n 
5 24  C   n 
5 25  G   n 
5 26  U   n 
5 27  C   n 
5 28  C   n 
5 29  A   n 
5 30  C   n 
5 31  A   n 
5 32  G   n 
5 33  C   n 
5 34  G   n 
5 35  G   n 
5 36  C   n 
5 37  G   n 
5 38  G   n 
5 39  G   n 
5 40  G   n 
5 41  A   n 
5 42  G   n 
5 43  G   n 
5 44  U   n 
5 45  U   n 
5 46  U   n 
5 47  G   n 
5 48  G   n 
5 49  C   n 
5 50  A   n 
5 51  C   n 
5 52  C   n 
5 53  U   n 
5 54  C   n 
5 55  G   n 
5 56  A   n 
5 57  U   n 
5 58  G   n 
5 59  U   n 
6 1   G   n 
6 2   U   n 
6 3   U   n 
6 4   C   n 
6 5   A   n 
6 6   G   n 
6 7   A   n 
6 8   A   n 
6 9   C   n 
6 10  G   n 
6 11  U   n 
6 12  C   n 
6 13  G   n 
6 14  U   n 
6 15  G   n 
6 16  A   n 
6 17  G   n 
6 18  A   n 
6 19  C   n 
6 20  A   n 
6 21  G   n 
6 22  U   n 
6 23  U   n 
6 24  C   n 
6 25  G   n 
6 26  G   n 
6 27  U   n 
7 1   MET n 
7 2   VAL n 
7 3   ALA n 
7 4   LEU n 
7 5   PRO n 
7 6   THR n 
7 7   ILE n 
7 8   ASN n 
7 9   GLN n 
7 10  LEU n 
7 11  VAL n 
7 12  ARG n 
7 13  LYS n 
7 14  GLY n 
7 15  ARG n 
7 16  GLU n 
7 17  LYS n 
7 18  VAL n 
7 19  ARG n 
7 20  LYS n 
7 21  LYS n 
7 22  SER n 
7 23  LYS n 
7 24  VAL n 
7 25  PRO n 
7 26  ALA n 
7 27  LEU n 
7 28  LYS n 
7 29  GLY n 
7 30  ALA n 
7 31  PRO n 
7 32  PHE n 
7 33  ARG n 
7 34  ARG n 
7 35  GLY n 
7 36  VAL n 
7 37  CYS n 
7 38  THR n 
7 39  VAL n 
7 40  VAL n 
7 41  ARG n 
7 42  THR n 
7 43  VAL n 
7 44  THR n 
7 45  PRO n 
7 46  LYS n 
7 47  LYS n 
7 48  PRO n 
7 49  ASN n 
7 50  SER n 
7 51  ALA n 
7 52  LEU n 
7 53  ARG n 
7 54  LYS n 
7 55  VAL n 
7 56  ALA n 
7 57  LYS n 
7 58  VAL n 
7 59  ARG n 
7 60  LEU n 
7 61  THR n 
7 62  SER n 
7 63  GLY n 
7 64  TYR n 
7 65  GLU n 
7 66  VAL n 
7 67  THR n 
7 68  ALA n 
7 69  TYR n 
7 70  ILE n 
7 71  PRO n 
7 72  GLY n 
7 73  GLU n 
7 74  GLY n 
7 75  HIS n 
7 76  ASN n 
7 77  LEU n 
7 78  GLN n 
7 79  GLU n 
7 80  HIS n 
7 81  SER n 
7 82  VAL n 
7 83  VAL n 
7 84  LEU n 
7 85  ILE n 
7 86  ARG n 
7 87  GLY n 
7 88  GLY n 
7 89  ARG n 
7 90  VAL n 
7 91  LYS n 
7 92  ASP n 
7 93  LEU n 
7 94  PRO n 
7 95  GLY n 
7 96  VAL n 
7 97  ARG n 
7 98  TYR n 
7 99  HIS n 
7 100 ILE n 
7 101 VAL n 
7 102 ARG n 
7 103 GLY n 
7 104 VAL n 
7 105 TYR n 
7 106 ASP n 
7 107 ALA n 
7 108 ALA n 
7 109 GLY n 
7 110 VAL n 
7 111 LYS n 
7 112 ASP n 
7 113 ARG n 
7 114 LYS n 
7 115 LYS n 
7 116 SER n 
7 117 ARG n 
7 118 SER n 
7 119 LYS n 
7 120 TYR n 
7 121 GLY n 
7 122 THR n 
7 123 LYS n 
7 124 LYS n 
7 125 PRO n 
7 126 LYS n 
7 127 GLU n 
7 128 ALA n 
7 129 ALA n 
7 130 LYS n 
7 131 THR n 
7 132 ALA n 
7 133 ALA n 
7 134 LYS n 
7 135 LYS n 
8 1   ALA n 
8 2   LYS n 
8 3   LYS n 
8 4   VAL n 
8 5   ALA n 
8 6   ALA n 
8 7   GLN n 
8 8   ILE n 
8 9   LYS n 
8 10  LEU n 
8 11  GLN n 
8 12  LEU n 
8 13  PRO n 
8 14  ALA n 
8 15  GLY n 
8 16  LYS n 
8 17  ALA n 
8 18  THR n 
8 19  PRO n 
8 20  ALA n 
8 21  PRO n 
8 22  PRO n 
8 23  VAL n 
8 24  GLY n 
8 25  PRO n 
8 26  ALA n 
8 27  LEU n 
8 28  GLY n 
8 29  GLN n 
8 30  HIS n 
8 31  GLY n 
8 32  VAL n 
8 33  ASN n 
8 34  ILE n 
8 35  MET n 
8 36  GLU n 
8 37  PHE n 
8 38  CYS n 
8 39  LYS n 
8 40  ARG n 
8 41  PHE n 
8 42  ASN n 
8 43  ALA n 
8 44  GLU n 
8 45  THR n 
8 46  ALA n 
8 47  ASP n 
8 48  LYS n 
8 49  ALA n 
8 50  GLY n 
8 51  MET n 
8 52  ILE n 
8 53  LEU n 
8 54  PRO n 
8 55  VAL n 
8 56  VAL n 
8 57  ILE n 
8 58  THR n 
8 59  VAL n 
8 60  TYR n 
8 61  GLU n 
8 62  ASP n 
8 63  LYS n 
8 64  SER n 
8 65  PHE n 
8 66  THR n 
8 67  PHE n 
8 68  ILE n 
8 69  ILE n 
8 70  LYS n 
8 71  THR n 
8 72  PRO n 
8 73  PRO n 
8 74  ALA n 
8 75  SER n 
8 76  PHE n 
8 77  LEU n 
8 78  LEU n 
8 79  LYS n 
8 80  LYS n 
8 81  ALA n 
8 82  ALA n 
8 83  GLY n 
8 84  ILE n 
8 85  GLU n 
8 86  LYS n 
8 87  GLY n 
8 88  SER n 
8 89  SER n 
8 90  GLU n 
8 91  PRO n 
8 92  LYS n 
8 93  ARG n 
8 94  LYS n 
8 95  ILE n 
8 96  VAL n 
8 97  GLY n 
8 98  LYS n 
8 99  VAL n 
8 100 THR n 
8 101 ARG n 
8 102 LYS n 
8 103 GLN n 
8 104 ILE n 
8 105 GLU n 
8 106 GLU n 
8 107 ILE n 
8 108 ALA n 
8 109 LYS n 
8 110 THR n 
8 111 LYS n 
8 112 MET n 
8 113 PRO n 
8 114 ASP n 
8 115 LEU n 
8 116 ASN n 
8 117 ALA n 
8 118 ASN n 
8 119 SER n 
8 120 LEU n 
8 121 GLU n 
8 122 ALA n 
8 123 ALA n 
8 124 MET n 
8 125 LYS n 
8 126 ILE n 
8 127 ILE n 
8 128 GLU n 
8 129 GLY n 
8 130 THR n 
8 131 ALA n 
8 132 LYS n 
8 133 SER n 
8 134 MET n 
8 135 GLY n 
8 136 ILE n 
8 137 GLU n 
8 138 VAL n 
8 139 VAL n 
8 140 ASP n 
# 
loop_
_entity_src_nat.entity_id 
_entity_src_nat.pdbx_src_id 
_entity_src_nat.pdbx_alt_source_flag 
_entity_src_nat.pdbx_beg_seq_num 
_entity_src_nat.pdbx_end_seq_num 
_entity_src_nat.common_name 
_entity_src_nat.pdbx_organism_scientific 
_entity_src_nat.pdbx_ncbi_taxonomy_id 
_entity_src_nat.genus 
_entity_src_nat.species 
_entity_src_nat.strain 
_entity_src_nat.tissue 
_entity_src_nat.tissue_fraction 
_entity_src_nat.pdbx_secretion 
_entity_src_nat.pdbx_fragment 
_entity_src_nat.pdbx_variant 
_entity_src_nat.pdbx_cell_line 
_entity_src_nat.pdbx_atcc 
_entity_src_nat.pdbx_cellular_location 
_entity_src_nat.pdbx_organ 
_entity_src_nat.pdbx_organelle 
_entity_src_nat.pdbx_cell 
_entity_src_nat.pdbx_plasmid_name 
_entity_src_nat.pdbx_plasmid_details 
_entity_src_nat.details 
1 1 sample ? ? ? 'Escherichia coli' 83333 Escherichia 'Escherichia coli' K12 ? ? ? ? ? ? ? ? ? ? ? ? ? ? 
2 1 sample ? ? ? 'Escherichia coli' 83333 Escherichia 'Escherichia coli' K12 ? ? ? ? ? ? ? ? ? ? ? ? ? ? 
3 1 sample ? ? ? 'Escherichia coli' 83333 Escherichia 'Escherichia coli' K12 ? ? ? ? ? ? ? ? ? ? ? ? ? ? 
4 1 sample ? ? ? 'Escherichia coli' 83333 Escherichia 'Escherichia coli' K12 ? ? ? ? ? ? ? ? ? ? ? ? ? ? 
5 1 sample ? ? ? 'Escherichia coli' 83333 Escherichia 'Escherichia coli' K12 ? ? ? ? ? ? ? ? ? ? ? ? ? ? 
6 1 sample ? ? ? 'Escherichia coli' 83333 Escherichia 'Escherichia coli' K12 ? ? ? ? ? ? ? ? ? ? ? ? ? ? 
7 1 sample ? ? ? 'Escherichia coli' 83333 Escherichia 'Escherichia coli' K12 ? ? ? ? ? ? ? ? ? ? ? ? ? ? 
8 1 sample ? ? ? 'Escherichia coli' 83333 Escherichia 'Escherichia coli' K12 ? ? ? ? ? ? ? ? ? ? ? ? ? ? 
# 
loop_
_chem_comp.id 
_chem_comp.type 
_chem_comp.mon_nstd_flag 
_chem_comp.name 
_chem_comp.pdbx_synonyms 
_chem_comp.formula 
_chem_comp.formula_weight 
A   'RNA linking'       y "ADENOSINE-5'-MONOPHOSPHATE" ? 'C10 H14 N5 O7 P' 347.221 
ALA 'L-peptide linking' y ALANINE                      ? 'C3 H7 N O2'      89.093  
ARG 'L-peptide linking' y ARGININE                     ? 'C6 H15 N4 O2 1'  175.209 
ASN 'L-peptide linking' y ASPARAGINE                   ? 'C4 H8 N2 O3'     132.118 
ASP 'L-peptide linking' y 'ASPARTIC ACID'              ? 'C4 H7 N O4'      133.103 
C   'RNA linking'       y "CYTIDINE-5'-MONOPHOSPHATE"  ? 'C9 H14 N3 O8 P'  323.197 
CYS 'L-peptide linking' y CYSTEINE                     ? 'C3 H7 N O2 S'    121.158 
G   'RNA linking'       y "GUANOSINE-5'-MONOPHOSPHATE" ? 'C10 H14 N5 O8 P' 363.221 
GLN 'L-peptide linking' y GLUTAMINE                    ? 'C5 H10 N2 O3'    146.144 
GLU 'L-peptide linking' y 'GLUTAMIC ACID'              ? 'C5 H9 N O4'      147.129 
GLY 'peptide linking'   y GLYCINE                      ? 'C2 H5 N O2'      75.067  
HIS 'L-peptide linking' y HISTIDINE                    ? 'C6 H10 N3 O2 1'  156.162 
ILE 'L-peptide linking' y ISOLEUCINE                   ? 'C6 H13 N O2'     131.173 
LEU 'L-peptide linking' y LEUCINE                      ? 'C6 H13 N O2'     131.173 
LYS 'L-peptide linking' y LYSINE                       ? 'C6 H15 N2 O2 1'  147.195 
MET 'L-peptide linking' y METHIONINE                   ? 'C5 H11 N O2 S'   149.211 
PHE 'L-peptide linking' y PHENYLALANINE                ? 'C9 H11 N O2'     165.189 
PRO 'L-peptide linking' y PROLINE                      ? 'C5 H9 N O2'      115.130 
SER 'L-peptide linking' y SERINE                       ? 'C3 H7 N O3'      105.093 
THR 'L-peptide linking' y THREONINE                    ? 'C4 H9 N O3'      119.119 
TYR 'L-peptide linking' y TYROSINE                     ? 'C9 H11 N O3'     181.189 
U   'RNA linking'       y "URIDINE-5'-MONOPHOSPHATE"   ? 'C9 H13 N2 O9 P'  324.181 
VAL 'L-peptide linking' y VALINE                       ? 'C5 H11 N O2'     117.146 
# 
loop_
_pdbx_poly_seq_scheme.asym_id 
_pdbx_poly_seq_scheme.entity_id 
_pdbx_poly_seq_scheme.seq_id 
_pdbx_poly_seq_scheme.mon_id 
_pdbx_poly_seq_scheme.ndb_seq_num 
_pdbx_poly_seq_scheme.pdb_seq_num 
_pdbx_poly_seq_scheme.auth_seq_num 
_pdbx_poly_seq_scheme.pdb_mon_id 
_pdbx_poly_seq_scheme.auth_mon_id 
_pdbx_poly_seq_scheme.pdb_strand_id 
_pdbx_poly_seq_scheme.pdb_ins_code 
_pdbx_poly_seq_scheme.hetero 
A 1 1   U   1   11   11   U   U   1 . n 
A 1 2   U   2   12   12   U   U   1 . n 
A 1 3   U   3   13   13   U   U   1 . n 
B 2 1   A   1   1046 1046 A   A   A . n 
B 2 2   G   2   1047 1047 G   G   A . n 
B 2 3   G   3   1048 1048 G   G   A . n 
B 2 4   U   4   1049 1049 U   U   A . n 
B 2 5   G   5   1050 1050 G   G   A . n 
B 2 6   C   6   1051 1051 C   C   A . n 
B 2 7   U   7   1052 1052 U   U   A . n 
B 2 8   G   8   1053 1053 G   G   A . n 
B 2 9   C   9   1054 1054 C   C   A . n 
B 2 10  A   10  1055 1055 A   A   A . n 
B 2 11  U   11  1056 1056 U   U   A . n 
B 2 12  G   12  1057 1057 G   G   A . n 
B 2 13  G   13  1058 1058 G   G   A . n 
B 2 14  C   14  1059 1059 C   C   A . n 
B 2 15  C   15  1060 1060 C   C   A . n 
B 2 16  G   16  1061 1061 G   G   A . n 
B 2 17  U   17  1062 1062 U   U   A . n 
B 2 18  C   18  1063 1063 C   C   A . n 
B 2 19  G   19  1064 1064 G   G   A . n 
B 2 20  U   20  1065 1065 U   U   A . n 
B 2 21  C   21  1066 1066 C   C   A . n 
B 2 22  A   22  1067 1067 A   A   A . n 
B 2 23  A   23  1188 1188 A   A   A . n 
B 2 24  C   24  1189 1189 C   C   A . n 
B 2 25  G   25  1190 1190 G   G   A . n 
B 2 26  A   26  1191 1191 A   A   A . n 
B 2 27  C   27  1192 1192 C   C   A . n 
B 2 28  G   28  1193 1193 G   G   A . n 
B 2 29  U   29  1194 1194 U   U   A . n 
B 2 30  C   30  1195 1195 C   C   A . n 
B 2 31  U   31  1196 1196 U   U   A . n 
B 2 32  G   32  1197 1197 G   G   A . n 
B 2 33  G   33  1198 1198 G   G   A . n 
B 2 34  U   34  1199 1199 U   U   A . n 
B 2 35  C   35  1200 1200 C   C   A . n 
B 2 36  A   36  1201 1201 A   A   A . n 
B 2 37  G   37  1202 1202 G   G   A . n 
B 2 38  C   38  1203 1203 C   C   A . n 
B 2 39  A   39  1204 1204 A   A   A . n 
B 2 40  U   40  1205 1205 U   U   A . n 
B 2 41  G   41  1206 1206 G   G   A . n 
B 2 42  G   42  1207 1207 G   G   A . n 
B 2 43  C   43  1208 1208 C   C   A . n 
B 2 44  C   44  1209 1209 C   C   A . n 
B 2 45  C   45  1210 1210 C   C   A . n 
C 3 1   C   1   1400 1400 C   C   B . n 
C 3 2   G   2   1401 1401 G   G   B . n 
C 3 3   C   3   1402 1402 C   C   B . n 
C 3 4   C   4   1403 1403 C   C   B . n 
C 3 5   C   5   1404 1404 C   C   B . n 
C 3 6   G   6   1405 1405 G   G   B . n 
C 3 7   U   7   1406 1406 U   U   B . n 
C 3 8   C   8   1407 1407 C   C   B . n 
C 3 9   A   9   1408 1408 A   A   B . n 
C 3 10  C   10  1409 1409 C   C   B . n 
C 3 11  G   11  1410 1410 G   G   B . n 
C 3 12  C   12  1411 1411 C   C   B . n 
C 3 13  C   13  1412 1412 C   C   B . n 
C 3 14  A   14  1413 1413 A   A   B . n 
C 3 15  U   15  1414 1414 U   U   B . n 
C 3 16  G   16  1415 1415 G   G   B . n 
C 3 17  G   17  1416 1416 G   G   B . n 
C 3 18  G   18  1417 1417 G   G   B . n 
C 3 19  A   19  1418 1418 A   A   B . n 
C 3 20  G   20  1419 1419 G   G   B . n 
C 3 21  C   21  1420 1420 C   C   B . n 
C 3 22  G   22  1421 1421 G   G   B . n 
C 3 23  G   23  1422 1422 G   G   B . n 
C 3 24  G   24  1423 1423 G   G   B . n 
C 3 25  C   25  1424 1424 C   C   B . n 
C 3 26  U   26  1425 1425 U   U   B . n 
C 3 27  C   27  1426 1426 C   C   B . n 
C 3 28  U   28  1427 1427 U   U   B . n 
C 3 29  A   29  1428 1428 A   A   B . n 
C 3 30  C   30  1429 1429 C   C   B . n 
C 3 31  C   31  1430 1430 C   C   B . n 
C 3 32  C   32  1431 1431 C   C   B . n 
C 3 33  G   33  1432 1432 G   G   B . n 
C 3 34  A   34  1433 1433 A   A   B . n 
C 3 35  A   35  1434 1434 A   A   B . n 
C 3 36  G   36  1435 1435 G   G   B . n 
C 3 37  U   37  1436 1436 U   U   B . n 
C 3 38  C   38  1437 1437 C   C   B . n 
C 3 39  G   39  1438 1438 G   G   B . n 
C 3 40  C   40  1439 1439 C   C   B . n 
C 3 41  C   41  1440 1440 C   C   B . n 
C 3 42  G   42  1441 1441 G   G   B . n 
C 3 43  G   43  1442 1442 G   G   B . n 
C 3 44  G   44  1443 1443 G   G   B . n 
C 3 45  A   45  1446 1446 A   A   B . n 
C 3 46  G   46  1447 1447 G   G   B . n 
C 3 47  C   47  1448 1448 C   C   B . n 
C 3 48  C   48  1449 1449 C   C   B . n 
C 3 49  U   49  1450 1450 U   U   B . n 
C 3 50  A   50  1451 1451 A   A   B . n 
C 3 51  C   51  1452 1452 C   C   B . n 
C 3 52  G   52  1453 1453 G   G   B . n 
C 3 53  G   53  1454 1454 G   G   B . n 
C 3 54  G   54  1455 1455 G   G   B . n 
C 3 55  C   55  1459 1459 C   C   B . n 
C 3 56  A   56  1460 1460 A   A   B . n 
C 3 57  G   57  1461 1461 G   G   B . n 
C 3 58  G   58  1462 1462 G   G   B . n 
C 3 59  C   59  1463 1463 C   C   B . n 
C 3 60  G   60  1464 1464 G   G   B . n 
C 3 61  C   61  1465 1465 C   C   B . n 
C 3 62  C   62  1466 1466 C   C   B . n 
C 3 63  G   63  1467 1467 G   G   B . n 
C 3 64  A   64  1468 1468 A   A   B . n 
C 3 65  G   65  1469 1469 G   G   B . n 
C 3 66  G   66  1470 1470 G   G   B . n 
C 3 67  G   67  1471 1471 G   G   B . n 
C 3 68  U   68  1472 1472 U   U   B . n 
C 3 69  A   69  1473 1473 A   A   B . n 
C 3 70  G   70  1474 1474 G   G   B . n 
C 3 71  G   71  1475 1475 G   G   B . n 
C 3 72  G   72  1476 1476 G   G   B . n 
C 3 73  C   73  1477 1477 C   C   B . n 
C 3 74  C   74  1478 1478 C   C   B . n 
C 3 75  C   75  1479 1479 C   C   B . n 
C 3 76  G   76  1480 1480 G   G   B . n 
C 3 77  U   77  1481 1481 U   U   B . n 
C 3 78  G   78  1482 1482 G   G   B . n 
C 3 79  A   79  1483 1483 A   A   B . n 
C 3 80  C   80  1484 1484 C   C   B . n 
C 3 81  U   81  1485 1485 U   U   B . n 
C 3 82  G   82  1486 1486 G   G   B . n 
C 3 83  G   83  1487 1487 G   G   B . n 
C 3 84  G   84  1488 1488 G   G   B . n 
C 3 85  G   85  1489 1489 G   G   B . n 
C 3 86  C   86  1490 1490 C   C   B . n 
C 3 87  G   87  1491 1491 G   G   B . n 
C 3 88  A   88  1492 1492 A   A   B . n 
C 3 89  A   89  1493 1493 A   A   B . n 
C 3 90  G   90  1494 1494 G   G   B . n 
C 3 91  U   91  1495 1495 U   U   B . n 
C 3 92  C   92  1496 1496 C   C   B . n 
C 3 93  G   93  1497 1497 G   G   B . n 
C 3 94  U   94  1498 1498 U   U   B . n 
C 3 95  A   95  1499 1499 A   A   B . n 
C 3 96  A   96  1500 1500 A   A   B . n 
D 4 1   G   1   1906 1906 G   G   C . n 
D 4 2   G   2   1907 1907 G   G   C . n 
D 4 3   C   3   1908 1908 C   C   C . n 
D 4 4   C   4   1909 1909 C   C   C . n 
D 4 5   G   5   1910 1910 G   G   C . n 
D 4 6   U   6   1911 1911 U   U   C . n 
D 4 7   A   7   1912 1912 A   A   C . n 
D 4 8   A   8   1913 1913 A   A   C . n 
D 4 9   C   9   1914 1914 C   C   C . n 
D 4 10  U   10  1915 1915 U   U   C . n 
D 4 11  A   11  1916 1916 A   A   C . n 
D 4 12  U   12  1917 1917 U   U   C . n 
D 4 13  A   13  1918 1918 A   A   C . n 
D 4 14  A   14  1919 1919 A   A   C . n 
D 4 15  C   15  1920 1920 C   C   C . n 
D 4 16  G   16  1921 1921 G   G   C . n 
D 4 17  G   17  1922 1922 G   G   C . n 
D 4 18  U   18  1923 1923 U   U   C . n 
D 4 19  C   19  1924 1924 C   C   C . n 
E 5 1   A   1   2448 2448 A   A   D . n 
E 5 2   U   2   2449 2449 U   U   D . n 
E 5 3   A   3   2450 2450 A   A   D . n 
E 5 4   A   4   2451 2451 A   A   D . n 
E 5 5   C   5   2452 2452 C   C   D . n 
E 5 6   A   6   2453 2453 A   A   D . n 
E 5 7   G   7   2454 2454 G   G   D . n 
E 5 8   G   8   2455 2455 G   G   D . n 
E 5 9   C   9   2456 2456 C   C   D . n 
E 5 10  U   10  2457 2457 U   U   D . n 
E 5 11  G   11  2458 2458 G   G   D . n 
E 5 12  A   12  2459 2459 A   A   D . n 
E 5 13  U   13  2460 2460 U   U   D . n 
E 5 14  C   14  2461 2461 C   C   D . n 
E 5 15  U   15  2462 2462 U   U   D . n 
E 5 16  C   16  2463 2463 C   C   D . n 
E 5 17  C   17  2464 2464 C   C   D . n 
E 5 18  C   18  2465 2465 C   C   D . n 
E 5 19  C   19  2466 2466 C   C   D . n 
E 5 20  C   20  2467 2467 C   C   D . n 
E 5 21  G   21  2468 2468 G   G   D . n 
E 5 22  A   22  2469 2469 A   A   D . n 
E 5 23  G   23  2470 2470 G   G   D . n 
E 5 24  C   24  2471 2471 C   C   D . n 
E 5 25  G   25  2472 2472 G   G   D . n 
E 5 26  U   26  2473 2473 U   U   D . n 
E 5 27  C   27  2474 2474 C   C   D . n 
E 5 28  C   28  2475 2475 C   C   D . n 
E 5 29  A   29  2476 2476 A   A   D . n 
E 5 30  C   30  2477 2477 C   C   D . n 
E 5 31  A   31  2478 2478 A   A   D . n 
E 5 32  G   32  2479 2479 G   G   D . n 
E 5 33  C   33  2480 2480 C   C   D . n 
E 5 34  G   34  2481 2481 G   G   D . n 
E 5 35  G   35  2482 2482 G   G   D . n 
E 5 36  C   36  2483 2483 C   C   D . n 
E 5 37  G   37  2484 2484 G   G   D . n 
E 5 38  G   38  2485 2485 G   G   D . n 
E 5 39  G   39  2486 2486 G   G   D . n 
E 5 40  G   40  2487 2487 G   G   D . n 
E 5 41  A   41  2488 2488 A   A   D . n 
E 5 42  G   42  2489 2489 G   G   D . n 
E 5 43  G   43  2490 2490 G   G   D . n 
E 5 44  U   44  2491 2491 U   U   D . n 
E 5 45  U   45  2492 2492 U   U   D . n 
E 5 46  U   46  2493 2493 U   U   D . n 
E 5 47  G   47  2494 2494 G   G   D . n 
E 5 48  G   48  2495 2495 G   G   D . n 
E 5 49  C   49  2496 2496 C   C   D . n 
E 5 50  A   50  2497 2497 A   A   D . n 
E 5 51  C   51  2498 2498 C   C   D . n 
E 5 52  C   52  2499 2499 C   C   D . n 
E 5 53  U   53  2500 2500 U   U   D . n 
E 5 54  C   54  2501 2501 C   C   D . n 
E 5 55  G   55  2502 2502 G   G   D . n 
E 5 56  A   56  2503 2503 A   A   D . n 
E 5 57  U   57  2504 2504 U   U   D . n 
E 5 58  G   58  2505 2505 G   G   D . n 
E 5 59  U   59  2506 2506 U   U   D . n 
F 6 1   G   1   2583 2583 G   G   E . n 
F 6 2   U   2   2584 2584 U   U   E . n 
F 6 3   U   3   2585 2585 U   U   E . n 
F 6 4   C   4   2586 2586 C   C   E . n 
F 6 5   A   5   2587 2587 A   A   E . n 
F 6 6   G   6   2588 2588 G   G   E . n 
F 6 7   A   7   2589 2589 A   A   E . n 
F 6 8   A   8   2590 2590 A   A   E . n 
F 6 9   C   9   2591 2591 C   C   E . n 
F 6 10  G   10  2592 2592 G   G   E . n 
F 6 11  U   11  2593 2593 U   U   E . n 
F 6 12  C   12  2594 2594 C   C   E . n 
F 6 13  G   13  2595 2595 G   G   E . n 
F 6 14  U   14  2596 2596 U   U   E . n 
F 6 15  G   15  2597 2597 G   G   E . n 
F 6 16  A   16  2598 2598 A   A   E . n 
F 6 17  G   17  2599 2599 G   G   E . n 
F 6 18  A   18  2600 2600 A   A   E . n 
F 6 19  C   19  2601 2601 C   C   E . n 
F 6 20  A   20  2602 2602 A   A   E . n 
F 6 21  G   21  2603 2603 G   G   E . n 
F 6 22  U   22  2604 2604 U   U   E . n 
F 6 23  U   23  2605 2605 U   U   E . n 
F 6 24  C   24  2606 2606 C   C   E . n 
F 6 25  G   25  2607 2607 G   G   E . n 
F 6 26  G   26  2608 2608 G   G   E . n 
F 6 27  U   27  2609 2609 U   U   E . n 
G 7 1   MET 1   1    ?    ?   ?   O . n 
G 7 2   VAL 2   2    ?    ?   ?   O . n 
G 7 3   ALA 3   3    ?    ?   ?   O . n 
G 7 4   LEU 4   4    ?    ?   ?   O . n 
G 7 5   PRO 5   5    5    PRO PRO O . n 
G 7 6   THR 6   6    6    THR THR O . n 
G 7 7   ILE 7   7    7    ILE ILE O . n 
G 7 8   ASN 8   8    8    ASN ASN O . n 
G 7 9   GLN 9   9    9    GLN GLN O . n 
G 7 10  LEU 10  10   10   LEU LEU O . n 
G 7 11  VAL 11  11   11   VAL VAL O . n 
G 7 12  ARG 12  12   12   ARG ARG O . n 
G 7 13  LYS 13  13   13   LYS LYS O . n 
G 7 14  GLY 14  14   14   GLY GLY O . n 
G 7 15  ARG 15  15   15   ARG ARG O . n 
G 7 16  GLU 16  16   16   GLU GLU O . n 
G 7 17  LYS 17  17   17   LYS LYS O . n 
G 7 18  VAL 18  18   18   VAL VAL O . n 
G 7 19  ARG 19  19   19   ARG ARG O . n 
G 7 20  LYS 20  20   20   LYS LYS O . n 
G 7 21  LYS 21  21   21   LYS LYS O . n 
G 7 22  SER 22  22   22   SER SER O . n 
G 7 23  LYS 23  23   23   LYS LYS O . n 
G 7 24  VAL 24  24   24   VAL VAL O . n 
G 7 25  PRO 25  25   25   PRO PRO O . n 
G 7 26  ALA 26  26   26   ALA ALA O . n 
G 7 27  LEU 27  27   27   LEU LEU O . n 
G 7 28  LYS 28  28   28   LYS LYS O . n 
G 7 29  GLY 29  29   29   GLY GLY O . n 
G 7 30  ALA 30  30   30   ALA ALA O . n 
G 7 31  PRO 31  31   31   PRO PRO O . n 
G 7 32  PHE 32  32   32   PHE PHE O . n 
G 7 33  ARG 33  33   33   ARG ARG O . n 
G 7 34  ARG 34  34   34   ARG ARG O . n 
G 7 35  GLY 35  35   35   GLY GLY O . n 
G 7 36  VAL 36  36   36   VAL VAL O . n 
G 7 37  CYS 37  37   37   CYS CYS O . n 
G 7 38  THR 38  38   38   THR THR O . n 
G 7 39  VAL 39  39   39   VAL VAL O . n 
G 7 40  VAL 40  40   40   VAL VAL O . n 
G 7 41  ARG 41  41   41   ARG ARG O . n 
G 7 42  THR 42  42   42   THR THR O . n 
G 7 43  VAL 43  43   43   VAL VAL O . n 
G 7 44  THR 44  44   44   THR THR O . n 
G 7 45  PRO 45  45   45   PRO PRO O . n 
G 7 46  LYS 46  46   46   LYS LYS O . n 
G 7 47  LYS 47  47   47   LYS LYS O . n 
G 7 48  PRO 48  48   48   PRO PRO O . n 
G 7 49  ASN 49  49   49   ASN ASN O . n 
G 7 50  SER 50  50   50   SER SER O . n 
G 7 51  ALA 51  51   51   ALA ALA O . n 
G 7 52  LEU 52  52   52   LEU LEU O . n 
G 7 53  ARG 53  53   53   ARG ARG O . n 
G 7 54  LYS 54  54   54   LYS LYS O . n 
G 7 55  VAL 55  55   55   VAL VAL O . n 
G 7 56  ALA 56  56   56   ALA ALA O . n 
G 7 57  LYS 57  57   57   LYS LYS O . n 
G 7 58  VAL 58  58   58   VAL VAL O . n 
G 7 59  ARG 59  59   59   ARG ARG O . n 
G 7 60  LEU 60  60   60   LEU LEU O . n 
G 7 61  THR 61  61   61   THR THR O . n 
G 7 62  SER 62  62   62   SER SER O . n 
G 7 63  GLY 63  63   63   GLY GLY O . n 
G 7 64  TYR 64  64   64   TYR TYR O . n 
G 7 65  GLU 65  65   65   GLU GLU O . n 
G 7 66  VAL 66  66   66   VAL VAL O . n 
G 7 67  THR 67  67   67   THR THR O . n 
G 7 68  ALA 68  68   68   ALA ALA O . n 
G 7 69  TYR 69  69   69   TYR TYR O . n 
G 7 70  ILE 70  70   70   ILE ILE O . n 
G 7 71  PRO 71  71   71   PRO PRO O . n 
G 7 72  GLY 72  72   72   GLY GLY O . n 
G 7 73  GLU 73  73   73   GLU GLU O . n 
G 7 74  GLY 74  74   74   GLY GLY O . n 
G 7 75  HIS 75  75   75   HIS HIS O . n 
G 7 76  ASN 76  76   76   ASN ASN O . n 
G 7 77  LEU 77  77   77   LEU LEU O . n 
G 7 78  GLN 78  78   78   GLN GLN O . n 
G 7 79  GLU 79  79   79   GLU GLU O . n 
G 7 80  HIS 80  80   80   HIS HIS O . n 
G 7 81  SER 81  81   81   SER SER O . n 
G 7 82  VAL 82  82   82   VAL VAL O . n 
G 7 83  VAL 83  83   83   VAL VAL O . n 
G 7 84  LEU 84  84   84   LEU LEU O . n 
G 7 85  ILE 85  85   85   ILE ILE O . n 
G 7 86  ARG 86  86   86   ARG ARG O . n 
G 7 87  GLY 87  87   87   GLY GLY O . n 
G 7 88  GLY 88  88   88   GLY GLY O . n 
G 7 89  ARG 89  89   89   ARG ARG O . n 
G 7 90  VAL 90  90   90   VAL VAL O . n 
G 7 91  LYS 91  91   91   LYS LYS O . n 
G 7 92  ASP 92  92   92   ASP ASP O . n 
G 7 93  LEU 93  93   93   LEU LEU O . n 
G 7 94  PRO 94  94   94   PRO PRO O . n 
G 7 95  GLY 95  95   95   GLY GLY O . n 
G 7 96  VAL 96  96   96   VAL VAL O . n 
G 7 97  ARG 97  97   97   ARG ARG O . n 
G 7 98  TYR 98  98   98   TYR TYR O . n 
G 7 99  HIS 99  99   99   HIS HIS O . n 
G 7 100 ILE 100 100  100  ILE ILE O . n 
G 7 101 VAL 101 101  101  VAL VAL O . n 
G 7 102 ARG 102 102  102  ARG ARG O . n 
G 7 103 GLY 103 103  103  GLY GLY O . n 
G 7 104 VAL 104 104  104  VAL VAL O . n 
G 7 105 TYR 105 105  105  TYR TYR O . n 
G 7 106 ASP 106 106  106  ASP ASP O . n 
G 7 107 ALA 107 107  107  ALA ALA O . n 
G 7 108 ALA 108 108  108  ALA ALA O . n 
G 7 109 GLY 109 109  109  GLY GLY O . n 
G 7 110 VAL 110 110  110  VAL VAL O . n 
G 7 111 LYS 111 111  111  LYS LYS O . n 
G 7 112 ASP 112 112  112  ASP ASP O . n 
G 7 113 ARG 113 113  113  ARG ARG O . n 
G 7 114 LYS 114 114  114  LYS LYS O . n 
G 7 115 LYS 115 115  115  LYS LYS O . n 
G 7 116 SER 116 116  116  SER SER O . n 
G 7 117 ARG 117 117  117  ARG ARG O . n 
G 7 118 SER 118 118  118  SER SER O . n 
G 7 119 LYS 119 119  119  LYS LYS O . n 
G 7 120 TYR 120 120  120  TYR TYR O . n 
G 7 121 GLY 121 121  121  GLY GLY O . n 
G 7 122 THR 122 122  122  THR THR O . n 
G 7 123 LYS 123 123  123  LYS LYS O . n 
G 7 124 LYS 124 124  124  LYS LYS O . n 
G 7 125 PRO 125 125  125  PRO PRO O . n 
G 7 126 LYS 126 126  126  LYS LYS O . n 
G 7 127 GLU 127 127  127  GLU GLU O . n 
G 7 128 ALA 128 128  128  ALA ALA O . n 
G 7 129 ALA 129 129  ?    ?   ?   O . n 
G 7 130 LYS 130 130  ?    ?   ?   O . n 
G 7 131 THR 131 131  ?    ?   ?   O . n 
G 7 132 ALA 132 132  ?    ?   ?   O . n 
G 7 133 ALA 133 133  ?    ?   ?   O . n 
G 7 134 LYS 134 134  ?    ?   ?   O . n 
G 7 135 LYS 135 135  ?    ?   ?   O . n 
H 8 1   ALA 1   2    ?    ?   ?   L . n 
H 8 2   LYS 2   3    ?    ?   ?   L . n 
H 8 3   LYS 3   4    ?    ?   ?   L . n 
H 8 4   VAL 4   5    ?    ?   ?   L . n 
H 8 5   ALA 5   6    ?    ?   ?   L . n 
H 8 6   ALA 6   7    ?    ?   ?   L . n 
H 8 7   GLN 7   8    8    GLN GLN L . n 
H 8 8   ILE 8   9    9    ILE ILE L . n 
H 8 9   LYS 9   10   10   LYS LYS L . n 
H 8 10  LEU 10  11   11   LEU LEU L . n 
H 8 11  GLN 11  12   12   GLN GLN L . n 
H 8 12  LEU 12  13   13   LEU LEU L . n 
H 8 13  PRO 13  14   14   PRO PRO L . n 
H 8 14  ALA 14  15   15   ALA ALA L . n 
H 8 15  GLY 15  16   16   GLY GLY L . n 
H 8 16  LYS 16  17   17   LYS LYS L . n 
H 8 17  ALA 17  18   18   ALA ALA L . n 
H 8 18  THR 18  19   19   THR THR L . n 
H 8 19  PRO 19  20   20   PRO PRO L . n 
H 8 20  ALA 20  21   21   ALA ALA L . n 
H 8 21  PRO 21  22   22   PRO PRO L . n 
H 8 22  PRO 22  23   23   PRO PRO L . n 
H 8 23  VAL 23  24   24   VAL VAL L . n 
H 8 24  GLY 24  25   25   GLY GLY L . n 
H 8 25  PRO 25  26   26   PRO PRO L . n 
H 8 26  ALA 26  27   27   ALA ALA L . n 
H 8 27  LEU 27  28   28   LEU LEU L . n 
H 8 28  GLY 28  29   29   GLY GLY L . n 
H 8 29  GLN 29  30   30   GLN GLN L . n 
H 8 30  HIS 30  31   31   HIS HIS L . n 
H 8 31  GLY 31  32   32   GLY GLY L . n 
H 8 32  VAL 32  33   33   VAL VAL L . n 
H 8 33  ASN 33  34   34   ASN ASN L . n 
H 8 34  ILE 34  35   35   ILE ILE L . n 
H 8 35  MET 35  36   36   MET MET L . n 
H 8 36  GLU 36  37   37   GLU GLU L . n 
H 8 37  PHE 37  38   38   PHE PHE L . n 
H 8 38  CYS 38  39   39   CYS CYS L . n 
H 8 39  LYS 39  40   40   LYS LYS L . n 
H 8 40  ARG 40  41   41   ARG ARG L . n 
H 8 41  PHE 41  42   42   PHE PHE L . n 
H 8 42  ASN 42  43   43   ASN ASN L . n 
H 8 43  ALA 43  44   44   ALA ALA L . n 
H 8 44  GLU 44  45   45   GLU GLU L . n 
H 8 45  THR 45  46   46   THR THR L . n 
H 8 46  ALA 46  47   47   ALA ALA L . n 
H 8 47  ASP 47  48   48   ASP ASP L . n 
H 8 48  LYS 48  49   49   LYS LYS L . n 
H 8 49  ALA 49  50   50   ALA ALA L . n 
H 8 50  GLY 50  51   51   GLY GLY L . n 
H 8 51  MET 51  52   52   MET MET L . n 
H 8 52  ILE 52  53   53   ILE ILE L . n 
H 8 53  LEU 53  54   54   LEU LEU L . n 
H 8 54  PRO 54  55   55   PRO PRO L . n 
H 8 55  VAL 55  56   56   VAL VAL L . n 
H 8 56  VAL 56  57   57   VAL VAL L . n 
H 8 57  ILE 57  58   58   ILE ILE L . n 
H 8 58  THR 58  59   59   THR THR L . n 
H 8 59  VAL 59  60   60   VAL VAL L . n 
H 8 60  TYR 60  61   61   TYR TYR L . n 
H 8 61  GLU 61  62   62   GLU GLU L . n 
H 8 62  ASP 62  63   63   ASP ASP L . n 
H 8 63  LYS 63  64   64   LYS LYS L . n 
H 8 64  SER 64  65   65   SER SER L . n 
H 8 65  PHE 65  66   66   PHE PHE L . n 
H 8 66  THR 66  67   67   THR THR L . n 
H 8 67  PHE 67  68   68   PHE PHE L . n 
H 8 68  ILE 68  69   69   ILE ILE L . n 
H 8 69  ILE 69  70   70   ILE ILE L . n 
H 8 70  LYS 70  71   71   LYS LYS L . n 
H 8 71  THR 71  72   72   THR THR L . n 
H 8 72  PRO 72  73   73   PRO PRO L . n 
H 8 73  PRO 73  74   74   PRO PRO L . n 
H 8 74  ALA 74  75   75   ALA ALA L . n 
H 8 75  SER 75  76   76   SER SER L . n 
H 8 76  PHE 76  77   77   PHE PHE L . n 
H 8 77  LEU 77  78   78   LEU LEU L . n 
H 8 78  LEU 78  79   79   LEU LEU L . n 
H 8 79  LYS 79  80   80   LYS LYS L . n 
H 8 80  LYS 80  81   81   LYS LYS L . n 
H 8 81  ALA 81  82   82   ALA ALA L . n 
H 8 82  ALA 82  83   83   ALA ALA L . n 
H 8 83  GLY 83  84   84   GLY GLY L . n 
H 8 84  ILE 84  85   85   ILE ILE L . n 
H 8 85  GLU 85  86   86   GLU GLU L . n 
H 8 86  LYS 86  87   87   LYS LYS L . n 
H 8 87  GLY 87  88   88   GLY GLY L . n 
H 8 88  SER 88  89   89   SER SER L . n 
H 8 89  SER 89  90   90   SER SER L . n 
H 8 90  GLU 90  91   91   GLU GLU L . n 
H 8 91  PRO 91  92   92   PRO PRO L . n 
H 8 92  LYS 92  93   93   LYS LYS L . n 
H 8 93  ARG 93  94   94   ARG ARG L . n 
H 8 94  LYS 94  95   95   LYS LYS L . n 
H 8 95  ILE 95  96   96   ILE ILE L . n 
H 8 96  VAL 96  97   97   VAL VAL L . n 
H 8 97  GLY 97  98   98   GLY GLY L . n 
H 8 98  LYS 98  99   99   LYS LYS L . n 
H 8 99  VAL 99  100  100  VAL VAL L . n 
H 8 100 THR 100 101  101  THR THR L . n 
H 8 101 ARG 101 102  102  ARG ARG L . n 
H 8 102 LYS 102 103  103  LYS LYS L . n 
H 8 103 GLN 103 104  104  GLN GLN L . n 
H 8 104 ILE 104 105  105  ILE ILE L . n 
H 8 105 GLU 105 106  106  GLU GLU L . n 
H 8 106 GLU 106 107  107  GLU GLU L . n 
H 8 107 ILE 107 108  108  ILE ILE L . n 
H 8 108 ALA 108 109  109  ALA ALA L . n 
H 8 109 LYS 109 110  110  LYS LYS L . n 
H 8 110 THR 110 111  111  THR THR L . n 
H 8 111 LYS 111 112  112  LYS LYS L . n 
H 8 112 MET 112 113  113  MET MET L . n 
H 8 113 PRO 113 114  114  PRO PRO L . n 
H 8 114 ASP 114 115  115  ASP ASP L . n 
H 8 115 LEU 115 116  116  LEU LEU L . n 
H 8 116 ASN 116 117  117  ASN ASN L . n 
H 8 117 ALA 117 118  118  ALA ALA L . n 
H 8 118 ASN 118 119  119  ASN ASN L . n 
H 8 119 SER 119 120  120  SER SER L . n 
H 8 120 LEU 120 121  121  LEU LEU L . n 
H 8 121 GLU 121 122  122  GLU GLU L . n 
H 8 122 ALA 122 123  123  ALA ALA L . n 
H 8 123 ALA 123 124  124  ALA ALA L . n 
H 8 124 MET 124 125  125  MET MET L . n 
H 8 125 LYS 125 126  126  LYS LYS L . n 
H 8 126 ILE 126 127  127  ILE ILE L . n 
H 8 127 ILE 127 128  128  ILE ILE L . n 
H 8 128 GLU 128 129  129  GLU GLU L . n 
H 8 129 GLY 129 130  130  GLY GLY L . n 
H 8 130 THR 130 131  131  THR THR L . n 
H 8 131 ALA 131 132  132  ALA ALA L . n 
H 8 132 LYS 132 133  133  LYS LYS L . n 
H 8 133 SER 133 134  134  SER SER L . n 
H 8 134 MET 134 135  135  MET MET L . n 
H 8 135 GLY 135 136  136  GLY GLY L . n 
H 8 136 ILE 136 137  137  ILE ILE L . n 
H 8 137 GLU 137 138  138  GLU GLU L . n 
H 8 138 VAL 138 139  139  VAL VAL L . n 
H 8 139 VAL 139 140  140  VAL VAL L . n 
H 8 140 ASP 140 141  ?    ?   ?   L . n 
# 
_symmetry.entry_id                         1MVR 
_symmetry.space_group_name_H-M             'P 1' 
_symmetry.pdbx_full_space_group_name_H-M   ? 
_symmetry.Int_Tables_number                1 
_symmetry.cell_setting                     ? 
# 
_exptl.entry_id          1MVR 
_exptl.method            'ELECTRON MICROSCOPY' 
_exptl.crystals_number   ? 
# 
_refine_hist.pdbx_refine_id                   'ELECTRON MICROSCOPY' 
_refine_hist.cycle_id                         LAST 
_refine_hist.pdbx_number_atoms_protein        257 
_refine_hist.pdbx_number_atoms_nucleic_acid   249 
_refine_hist.pdbx_number_atoms_ligand         0 
_refine_hist.number_atoms_solvent             0 
_refine_hist.number_atoms_total               506 
_refine_hist.d_res_high                       . 
_refine_hist.d_res_low                        . 
# 
_struct.entry_id                  1MVR 
_struct.title                     
;Decoding Center & Peptidyl transferase center from the X-ray structure of the Thermus thermophilus 70S ribosome, aligned to the low resolution Cryo-EM map of E.coli 70S Ribosome
;
_struct.pdbx_model_details        ? 
_struct.pdbx_CASP_flag            ? 
_struct.pdbx_model_type_details   ? 
# 
_struct_keywords.entry_id        1MVR 
_struct_keywords.pdbx_keywords   RIBOSOME 
_struct_keywords.text            'RF2, Release Complex, Conformational Changes, RIBOSOME' 
# 
loop_
_struct_asym.id 
_struct_asym.pdbx_blank_PDB_chainid_flag 
_struct_asym.pdbx_modified 
_struct_asym.entity_id 
_struct_asym.details 
A N N 1 ? 
B N N 2 ? 
C N N 3 ? 
D N N 4 ? 
E N N 5 ? 
F N N 6 ? 
G N N 7 ? 
H N N 8 ? 
# 
loop_
_struct_ref.id 
_struct_ref.db_name 
_struct_ref.db_code 
_struct_ref.pdbx_db_accession 
_struct_ref.entity_id 
_struct_ref.pdbx_align_begin 
_struct_ref.pdbx_seq_one_letter_code 
_struct_ref.pdbx_db_isoform 
1 UNP RS12_THET8 Q5SHN3 7 1 ? ? 
2 UNP RL11_THEMA P29395 8 1 ? ? 
3 PDB 1MVR       1MVR   1 ? ? ? 
4 PDB 1MVR       1MVR   2 ? ? ? 
5 PDB 1MVR       1MVR   3 ? ? ? 
6 PDB 1MVR       1MVR   4 ? ? ? 
7 PDB 1MVR       1MVR   5 ? ? ? 
8 PDB 1MVR       1MVR   6 ? ? ? 
# 
loop_
_struct_ref_seq.align_id 
_struct_ref_seq.ref_id 
_struct_ref_seq.pdbx_PDB_id_code 
_struct_ref_seq.pdbx_strand_id 
_struct_ref_seq.seq_align_beg 
_struct_ref_seq.pdbx_seq_align_beg_ins_code 
_struct_ref_seq.seq_align_end 
_struct_ref_seq.pdbx_seq_align_end_ins_code 
_struct_ref_seq.pdbx_db_accession 
_struct_ref_seq.db_align_beg 
_struct_ref_seq.pdbx_db_align_beg_ins_code 
_struct_ref_seq.db_align_end 
_struct_ref_seq.pdbx_db_align_end_ins_code 
_struct_ref_seq.pdbx_auth_seq_align_beg 
_struct_ref_seq.pdbx_auth_seq_align_end 
1 1 1MVR O 5 ? 135 ? Q5SHN3 1    ? 131  ? 5    135  
2 2 1MVR L 1 ? 140 ? P29395 1    ? 140  ? 2    141  
3 3 1MVR 1 1 ? 3   ? 1MVR   11   ? 13   ? 11   13   
4 4 1MVR A 1 ? 45  ? 1MVR   1046 ? 1210 ? 1046 1210 
5 5 1MVR B 1 ? 96  ? 1MVR   1400 ? 1500 ? 1400 1500 
6 6 1MVR C 1 ? 19  ? 1MVR   1906 ? 1924 ? 1906 1924 
7 7 1MVR D 1 ? 59  ? 1MVR   2448 ? 2506 ? 2448 2506 
8 8 1MVR E 1 ? 27  ? 1MVR   2583 ? 2609 ? 2583 2609 
# 
_pdbx_struct_assembly.id                   1 
_pdbx_struct_assembly.details              author_defined_assembly 
_pdbx_struct_assembly.method_details       ? 
_pdbx_struct_assembly.oligomeric_details   octameric 
_pdbx_struct_assembly.oligomeric_count     8 
# 
_pdbx_struct_assembly_gen.assembly_id       1 
_pdbx_struct_assembly_gen.oper_expression   1 
_pdbx_struct_assembly_gen.asym_id_list      A,B,C,D,E,F,G,H 
# 
_pdbx_struct_oper_list.id                   1 
_pdbx_struct_oper_list.type                 'identity operation' 
_pdbx_struct_oper_list.name                 1_555 
_pdbx_struct_oper_list.symmetry_operation   x,y,z 
_pdbx_struct_oper_list.matrix[1][1]         1.0000000000 
_pdbx_struct_oper_list.matrix[1][2]         0.0000000000 
_pdbx_struct_oper_list.matrix[1][3]         0.0000000000 
_pdbx_struct_oper_list.vector[1]            0.0000000000 
_pdbx_struct_oper_list.matrix[2][1]         0.0000000000 
_pdbx_struct_oper_list.matrix[2][2]         1.0000000000 
_pdbx_struct_oper_list.matrix[2][3]         0.0000000000 
_pdbx_struct_oper_list.vector[2]            0.0000000000 
_pdbx_struct_oper_list.matrix[3][1]         0.0000000000 
_pdbx_struct_oper_list.matrix[3][2]         0.0000000000 
_pdbx_struct_oper_list.matrix[3][3]         1.0000000000 
_pdbx_struct_oper_list.vector[3]            0.0000000000 
# 
_struct_biol.id                    1 
_struct_biol.pdbx_parent_biol_id   ? 
_struct_biol.details               ? 
# 
_em_3d_fitting.id                1 
_em_3d_fitting.entry_id          1MVR 
_em_3d_fitting.ref_protocol      OTHER 
_em_3d_fitting.ref_space         REAL 
_em_3d_fitting.overall_b_value   ? 
_em_3d_fitting.target_criteria   ? 
_em_3d_fitting.details           METHOD--Manual 
_em_3d_fitting.method            ? 
# 
loop_
_em_3d_fitting_list.3d_fitting_id 
_em_3d_fitting_list.id 
_em_3d_fitting_list.pdb_entry_id 
_em_3d_fitting_list.pdb_chain_id 
_em_3d_fitting_list.details 
_em_3d_fitting_list.initial_refinement_model_id 
_em_3d_fitting_list.chain_id 
_em_3d_fitting_list.chain_residue_range 
_em_3d_fitting_list.pdb_chain_residue_range 
_em_3d_fitting_list.source_name 
_em_3d_fitting_list.type 
_em_3d_fitting_list.accession_code 
1 1 1GIX ? ? 1 ? ? ? PDB 'experimental model' 1GIX 
1 2 1GIY ? ? 2 ? ? ? PDB 'experimental model' 1GIY 
# 
_em_3d_reconstruction.entry_id                    1MVR 
_em_3d_reconstruction.id                          1 
_em_3d_reconstruction.symmetry_type               POINT 
_em_3d_reconstruction.num_particles               18199 
_em_3d_reconstruction.image_processing_id         1 
_em_3d_reconstruction.method                      'Reference Bases Alignment' 
_em_3d_reconstruction.nominal_pixel_size          ? 
_em_3d_reconstruction.actual_pixel_size           2.82 
_em_3d_reconstruction.resolution                  12.8 
_em_3d_reconstruction.magnification_calibration   TMV 
_em_3d_reconstruction.details                     'SPIDER package' 
_em_3d_reconstruction.resolution_method           ? 
_em_3d_reconstruction.num_class_averages          ? 
_em_3d_reconstruction.algorithm                   ? 
# 
_em_buffer.id            1 
_em_buffer.specimen_id   1 
_em_buffer.name          'polymix buffer' 
_em_buffer.pH            7.5 
_em_buffer.details       'polymix buffer' 
# 
_em_entity_assembly.id                   1 
_em_entity_assembly.name                 '70S ribosome' 
_em_entity_assembly.type                 RIBOSOME 
_em_entity_assembly.parent_id            0 
_em_entity_assembly.synonym              ? 
_em_entity_assembly.details              ? 
_em_entity_assembly.oligomeric_details   ? 
# 
_em_imaging.entry_id                        1MVR 
_em_imaging.id                              1 
_em_imaging.specimen_id                     1 
_em_imaging.date                            2001-11-08 
_em_imaging.temperature                     93 
_em_imaging.microscope_model                'FEI TECNAI F20' 
_em_imaging.nominal_defocus_min             2020 
_em_imaging.nominal_defocus_max             4500 
_em_imaging.tilt_angle_min                  0 
_em_imaging.tilt_angle_max                  0 
_em_imaging.nominal_cs                      2.0 
_em_imaging.mode                            'BRIGHT FIELD' 
_em_imaging.illumination_mode               'FLOOD BEAM' 
_em_imaging.nominal_magnification           50000 
_em_imaging.calibrated_magnification        49696 
_em_imaging.electron_source                 'FIELD EMISSION GUN' 
_em_imaging.accelerating_voltage            200 
_em_imaging.details                         ? 
_em_imaging.specimen_holder_type            ? 
_em_imaging.specimen_holder_model           ? 
_em_imaging.citation_id                     ? 
_em_imaging.detector_distance               ? 
_em_imaging.recording_temperature_maximum   ? 
_em_imaging.recording_temperature_minimum   ? 
_em_imaging.astigmatism                     ? 
_em_imaging.electron_beam_tilt_params       ? 
# 
_em_vitrification.entry_id              1MVR 
_em_vitrification.id                    1 
_em_vitrification.instrument            'HOMEMADE PLUNGER' 
_em_vitrification.cryogen_name          ETHANE 
_em_vitrification.details               'Rapid-freezing in liquid ethane' 
_em_vitrification.citation_id           ? 
_em_vitrification.humidity              ? 
_em_vitrification.method                ? 
_em_vitrification.specimen_id           1 
_em_vitrification.temp                  ? 
_em_vitrification.time_resolved_state   ? 
# 
_em_experiment.entry_id                1MVR 
_em_experiment.id                      1 
_em_experiment.aggregation_state       PARTICLE 
_em_experiment.entity_assembly_id      1 
_em_experiment.reconstruction_method   'SINGLE PARTICLE' 
# 
_em_single_particle_entity.entry_id              1MVR 
_em_single_particle_entity.id                    1 
_em_single_particle_entity.point_symmetry        C1 
_em_single_particle_entity.image_processing_id   1 
# 
loop_
_pdbx_unobs_or_zero_occ_residues.id 
_pdbx_unobs_or_zero_occ_residues.PDB_model_num 
_pdbx_unobs_or_zero_occ_residues.polymer_flag 
_pdbx_unobs_or_zero_occ_residues.occupancy_flag 
_pdbx_unobs_or_zero_occ_residues.auth_asym_id 
_pdbx_unobs_or_zero_occ_residues.auth_comp_id 
_pdbx_unobs_or_zero_occ_residues.auth_seq_id 
_pdbx_unobs_or_zero_occ_residues.PDB_ins_code 
_pdbx_unobs_or_zero_occ_residues.label_asym_id 
_pdbx_unobs_or_zero_occ_residues.label_comp_id 
_pdbx_unobs_or_zero_occ_residues.label_seq_id 
1  1 Y 1 O MET 1   ? G MET 1   
2  1 Y 1 O VAL 2   ? G VAL 2   
3  1 Y 1 O ALA 3   ? G ALA 3   
4  1 Y 1 O LEU 4   ? G LEU 4   
5  1 Y 1 O ALA 129 ? G ALA 129 
6  1 Y 1 O LYS 130 ? G LYS 130 
7  1 Y 1 O THR 131 ? G THR 131 
8  1 Y 1 O ALA 132 ? G ALA 132 
9  1 Y 1 O ALA 133 ? G ALA 133 
10 1 Y 1 O LYS 134 ? G LYS 134 
11 1 Y 1 O LYS 135 ? G LYS 135 
12 1 Y 1 L ALA 2   ? H ALA 1   
13 1 Y 1 L LYS 3   ? H LYS 2   
14 1 Y 1 L LYS 4   ? H LYS 3   
15 1 Y 1 L VAL 5   ? H VAL 4   
16 1 Y 1 L ALA 6   ? H ALA 5   
17 1 Y 1 L ALA 7   ? H ALA 6   
18 1 Y 1 L ASP 141 ? H ASP 140 
# 
loop_
_chem_comp_atom.comp_id 
_chem_comp_atom.atom_id 
_chem_comp_atom.type_symbol 
_chem_comp_atom.pdbx_aromatic_flag 
_chem_comp_atom.pdbx_stereo_config 
_chem_comp_atom.pdbx_ordinal 
A   OP3    O N N 1   
A   P      P N N 2   
A   OP1    O N N 3   
A   OP2    O N N 4   
A   "O5'"  O N N 5   
A   "C5'"  C N N 6   
A   "C4'"  C N R 7   
A   "O4'"  O N N 8   
A   "C3'"  C N S 9   
A   "O3'"  O N N 10  
A   "C2'"  C N R 11  
A   "O2'"  O N N 12  
A   "C1'"  C N R 13  
A   N9     N Y N 14  
A   C8     C Y N 15  
A   N7     N Y N 16  
A   C5     C Y N 17  
A   C6     C Y N 18  
A   N6     N N N 19  
A   N1     N Y N 20  
A   C2     C Y N 21  
A   N3     N Y N 22  
A   C4     C Y N 23  
A   HOP3   H N N 24  
A   HOP2   H N N 25  
A   "H5'"  H N N 26  
A   "H5''" H N N 27  
A   "H4'"  H N N 28  
A   "H3'"  H N N 29  
A   "HO3'" H N N 30  
A   "H2'"  H N N 31  
A   "HO2'" H N N 32  
A   "H1'"  H N N 33  
A   H8     H N N 34  
A   H61    H N N 35  
A   H62    H N N 36  
A   H2     H N N 37  
ALA N      N N N 38  
ALA CA     C N S 39  
ALA C      C N N 40  
ALA O      O N N 41  
ALA CB     C N N 42  
ALA OXT    O N N 43  
ALA H      H N N 44  
ALA H2     H N N 45  
ALA HA     H N N 46  
ALA HB1    H N N 47  
ALA HB2    H N N 48  
ALA HB3    H N N 49  
ALA HXT    H N N 50  
ARG N      N N N 51  
ARG CA     C N S 52  
ARG C      C N N 53  
ARG O      O N N 54  
ARG CB     C N N 55  
ARG CG     C N N 56  
ARG CD     C N N 57  
ARG NE     N N N 58  
ARG CZ     C N N 59  
ARG NH1    N N N 60  
ARG NH2    N N N 61  
ARG OXT    O N N 62  
ARG H      H N N 63  
ARG H2     H N N 64  
ARG HA     H N N 65  
ARG HB2    H N N 66  
ARG HB3    H N N 67  
ARG HG2    H N N 68  
ARG HG3    H N N 69  
ARG HD2    H N N 70  
ARG HD3    H N N 71  
ARG HE     H N N 72  
ARG HH11   H N N 73  
ARG HH12   H N N 74  
ARG HH21   H N N 75  
ARG HH22   H N N 76  
ARG HXT    H N N 77  
ASN N      N N N 78  
ASN CA     C N S 79  
ASN C      C N N 80  
ASN O      O N N 81  
ASN CB     C N N 82  
ASN CG     C N N 83  
ASN OD1    O N N 84  
ASN ND2    N N N 85  
ASN OXT    O N N 86  
ASN H      H N N 87  
ASN H2     H N N 88  
ASN HA     H N N 89  
ASN HB2    H N N 90  
ASN HB3    H N N 91  
ASN HD21   H N N 92  
ASN HD22   H N N 93  
ASN HXT    H N N 94  
ASP N      N N N 95  
ASP CA     C N S 96  
ASP C      C N N 97  
ASP O      O N N 98  
ASP CB     C N N 99  
ASP CG     C N N 100 
ASP OD1    O N N 101 
ASP OD2    O N N 102 
ASP OXT    O N N 103 
ASP H      H N N 104 
ASP H2     H N N 105 
ASP HA     H N N 106 
ASP HB2    H N N 107 
ASP HB3    H N N 108 
ASP HD2    H N N 109 
ASP HXT    H N N 110 
C   OP3    O N N 111 
C   P      P N N 112 
C   OP1    O N N 113 
C   OP2    O N N 114 
C   "O5'"  O N N 115 
C   "C5'"  C N N 116 
C   "C4'"  C N R 117 
C   "O4'"  O N N 118 
C   "C3'"  C N S 119 
C   "O3'"  O N N 120 
C   "C2'"  C N R 121 
C   "O2'"  O N N 122 
C   "C1'"  C N R 123 
C   N1     N N N 124 
C   C2     C N N 125 
C   O2     O N N 126 
C   N3     N N N 127 
C   C4     C N N 128 
C   N4     N N N 129 
C   C5     C N N 130 
C   C6     C N N 131 
C   HOP3   H N N 132 
C   HOP2   H N N 133 
C   "H5'"  H N N 134 
C   "H5''" H N N 135 
C   "H4'"  H N N 136 
C   "H3'"  H N N 137 
C   "HO3'" H N N 138 
C   "H2'"  H N N 139 
C   "HO2'" H N N 140 
C   "H1'"  H N N 141 
C   H41    H N N 142 
C   H42    H N N 143 
C   H5     H N N 144 
C   H6     H N N 145 
CYS N      N N N 146 
CYS CA     C N R 147 
CYS C      C N N 148 
CYS O      O N N 149 
CYS CB     C N N 150 
CYS SG     S N N 151 
CYS OXT    O N N 152 
CYS H      H N N 153 
CYS H2     H N N 154 
CYS HA     H N N 155 
CYS HB2    H N N 156 
CYS HB3    H N N 157 
CYS HG     H N N 158 
CYS HXT    H N N 159 
G   OP3    O N N 160 
G   P      P N N 161 
G   OP1    O N N 162 
G   OP2    O N N 163 
G   "O5'"  O N N 164 
G   "C5'"  C N N 165 
G   "C4'"  C N R 166 
G   "O4'"  O N N 167 
G   "C3'"  C N S 168 
G   "O3'"  O N N 169 
G   "C2'"  C N R 170 
G   "O2'"  O N N 171 
G   "C1'"  C N R 172 
G   N9     N Y N 173 
G   C8     C Y N 174 
G   N7     N Y N 175 
G   C5     C Y N 176 
G   C6     C N N 177 
G   O6     O N N 178 
G   N1     N N N 179 
G   C2     C N N 180 
G   N2     N N N 181 
G   N3     N N N 182 
G   C4     C Y N 183 
G   HOP3   H N N 184 
G   HOP2   H N N 185 
G   "H5'"  H N N 186 
G   "H5''" H N N 187 
G   "H4'"  H N N 188 
G   "H3'"  H N N 189 
G   "HO3'" H N N 190 
G   "H2'"  H N N 191 
G   "HO2'" H N N 192 
G   "H1'"  H N N 193 
G   H8     H N N 194 
G   H1     H N N 195 
G   H21    H N N 196 
G   H22    H N N 197 
GLN N      N N N 198 
GLN CA     C N S 199 
GLN C      C N N 200 
GLN O      O N N 201 
GLN CB     C N N 202 
GLN CG     C N N 203 
GLN CD     C N N 204 
GLN OE1    O N N 205 
GLN NE2    N N N 206 
GLN OXT    O N N 207 
GLN H      H N N 208 
GLN H2     H N N 209 
GLN HA     H N N 210 
GLN HB2    H N N 211 
GLN HB3    H N N 212 
GLN HG2    H N N 213 
GLN HG3    H N N 214 
GLN HE21   H N N 215 
GLN HE22   H N N 216 
GLN HXT    H N N 217 
GLU N      N N N 218 
GLU CA     C N S 219 
GLU C      C N N 220 
GLU O      O N N 221 
GLU CB     C N N 222 
GLU CG     C N N 223 
GLU CD     C N N 224 
GLU OE1    O N N 225 
GLU OE2    O N N 226 
GLU OXT    O N N 227 
GLU H      H N N 228 
GLU H2     H N N 229 
GLU HA     H N N 230 
GLU HB2    H N N 231 
GLU HB3    H N N 232 
GLU HG2    H N N 233 
GLU HG3    H N N 234 
GLU HE2    H N N 235 
GLU HXT    H N N 236 
GLY N      N N N 237 
GLY CA     C N N 238 
GLY C      C N N 239 
GLY O      O N N 240 
GLY OXT    O N N 241 
GLY H      H N N 242 
GLY H2     H N N 243 
GLY HA2    H N N 244 
GLY HA3    H N N 245 
GLY HXT    H N N 246 
HIS N      N N N 247 
HIS CA     C N S 248 
HIS C      C N N 249 
HIS O      O N N 250 
HIS CB     C N N 251 
HIS CG     C Y N 252 
HIS ND1    N Y N 253 
HIS CD2    C Y N 254 
HIS CE1    C Y N 255 
HIS NE2    N Y N 256 
HIS OXT    O N N 257 
HIS H      H N N 258 
HIS H2     H N N 259 
HIS HA     H N N 260 
HIS HB2    H N N 261 
HIS HB3    H N N 262 
HIS HD1    H N N 263 
HIS HD2    H N N 264 
HIS HE1    H N N 265 
HIS HE2    H N N 266 
HIS HXT    H N N 267 
ILE N      N N N 268 
ILE CA     C N S 269 
ILE C      C N N 270 
ILE O      O N N 271 
ILE CB     C N S 272 
ILE CG1    C N N 273 
ILE CG2    C N N 274 
ILE CD1    C N N 275 
ILE OXT    O N N 276 
ILE H      H N N 277 
ILE H2     H N N 278 
ILE HA     H N N 279 
ILE HB     H N N 280 
ILE HG12   H N N 281 
ILE HG13   H N N 282 
ILE HG21   H N N 283 
ILE HG22   H N N 284 
ILE HG23   H N N 285 
ILE HD11   H N N 286 
ILE HD12   H N N 287 
ILE HD13   H N N 288 
ILE HXT    H N N 289 
LEU N      N N N 290 
LEU CA     C N S 291 
LEU C      C N N 292 
LEU O      O N N 293 
LEU CB     C N N 294 
LEU CG     C N N 295 
LEU CD1    C N N 296 
LEU CD2    C N N 297 
LEU OXT    O N N 298 
LEU H      H N N 299 
LEU H2     H N N 300 
LEU HA     H N N 301 
LEU HB2    H N N 302 
LEU HB3    H N N 303 
LEU HG     H N N 304 
LEU HD11   H N N 305 
LEU HD12   H N N 306 
LEU HD13   H N N 307 
LEU HD21   H N N 308 
LEU HD22   H N N 309 
LEU HD23   H N N 310 
LEU HXT    H N N 311 
LYS N      N N N 312 
LYS CA     C N S 313 
LYS C      C N N 314 
LYS O      O N N 315 
LYS CB     C N N 316 
LYS CG     C N N 317 
LYS CD     C N N 318 
LYS CE     C N N 319 
LYS NZ     N N N 320 
LYS OXT    O N N 321 
LYS H      H N N 322 
LYS H2     H N N 323 
LYS HA     H N N 324 
LYS HB2    H N N 325 
LYS HB3    H N N 326 
LYS HG2    H N N 327 
LYS HG3    H N N 328 
LYS HD2    H N N 329 
LYS HD3    H N N 330 
LYS HE2    H N N 331 
LYS HE3    H N N 332 
LYS HZ1    H N N 333 
LYS HZ2    H N N 334 
LYS HZ3    H N N 335 
LYS HXT    H N N 336 
MET N      N N N 337 
MET CA     C N S 338 
MET C      C N N 339 
MET O      O N N 340 
MET CB     C N N 341 
MET CG     C N N 342 
MET SD     S N N 343 
MET CE     C N N 344 
MET OXT    O N N 345 
MET H      H N N 346 
MET H2     H N N 347 
MET HA     H N N 348 
MET HB2    H N N 349 
MET HB3    H N N 350 
MET HG2    H N N 351 
MET HG3    H N N 352 
MET HE1    H N N 353 
MET HE2    H N N 354 
MET HE3    H N N 355 
MET HXT    H N N 356 
PHE N      N N N 357 
PHE CA     C N S 358 
PHE C      C N N 359 
PHE O      O N N 360 
PHE CB     C N N 361 
PHE CG     C Y N 362 
PHE CD1    C Y N 363 
PHE CD2    C Y N 364 
PHE CE1    C Y N 365 
PHE CE2    C Y N 366 
PHE CZ     C Y N 367 
PHE OXT    O N N 368 
PHE H      H N N 369 
PHE H2     H N N 370 
PHE HA     H N N 371 
PHE HB2    H N N 372 
PHE HB3    H N N 373 
PHE HD1    H N N 374 
PHE HD2    H N N 375 
PHE HE1    H N N 376 
PHE HE2    H N N 377 
PHE HZ     H N N 378 
PHE HXT    H N N 379 
PRO N      N N N 380 
PRO CA     C N S 381 
PRO C      C N N 382 
PRO O      O N N 383 
PRO CB     C N N 384 
PRO CG     C N N 385 
PRO CD     C N N 386 
PRO OXT    O N N 387 
PRO H      H N N 388 
PRO HA     H N N 389 
PRO HB2    H N N 390 
PRO HB3    H N N 391 
PRO HG2    H N N 392 
PRO HG3    H N N 393 
PRO HD2    H N N 394 
PRO HD3    H N N 395 
PRO HXT    H N N 396 
SER N      N N N 397 
SER CA     C N S 398 
SER C      C N N 399 
SER O      O N N 400 
SER CB     C N N 401 
SER OG     O N N 402 
SER OXT    O N N 403 
SER H      H N N 404 
SER H2     H N N 405 
SER HA     H N N 406 
SER HB2    H N N 407 
SER HB3    H N N 408 
SER HG     H N N 409 
SER HXT    H N N 410 
THR N      N N N 411 
THR CA     C N S 412 
THR C      C N N 413 
THR O      O N N 414 
THR CB     C N R 415 
THR OG1    O N N 416 
THR CG2    C N N 417 
THR OXT    O N N 418 
THR H      H N N 419 
THR H2     H N N 420 
THR HA     H N N 421 
THR HB     H N N 422 
THR HG1    H N N 423 
THR HG21   H N N 424 
THR HG22   H N N 425 
THR HG23   H N N 426 
THR HXT    H N N 427 
TYR N      N N N 428 
TYR CA     C N S 429 
TYR C      C N N 430 
TYR O      O N N 431 
TYR CB     C N N 432 
TYR CG     C Y N 433 
TYR CD1    C Y N 434 
TYR CD2    C Y N 435 
TYR CE1    C Y N 436 
TYR CE2    C Y N 437 
TYR CZ     C Y N 438 
TYR OH     O N N 439 
TYR OXT    O N N 440 
TYR H      H N N 441 
TYR H2     H N N 442 
TYR HA     H N N 443 
TYR HB2    H N N 444 
TYR HB3    H N N 445 
TYR HD1    H N N 446 
TYR HD2    H N N 447 
TYR HE1    H N N 448 
TYR HE2    H N N 449 
TYR HH     H N N 450 
TYR HXT    H N N 451 
U   OP3    O N N 452 
U   P      P N N 453 
U   OP1    O N N 454 
U   OP2    O N N 455 
U   "O5'"  O N N 456 
U   "C5'"  C N N 457 
U   "C4'"  C N R 458 
U   "O4'"  O N N 459 
U   "C3'"  C N S 460 
U   "O3'"  O N N 461 
U   "C2'"  C N R 462 
U   "O2'"  O N N 463 
U   "C1'"  C N R 464 
U   N1     N N N 465 
U   C2     C N N 466 
U   O2     O N N 467 
U   N3     N N N 468 
U   C4     C N N 469 
U   O4     O N N 470 
U   C5     C N N 471 
U   C6     C N N 472 
U   HOP3   H N N 473 
U   HOP2   H N N 474 
U   "H5'"  H N N 475 
U   "H5''" H N N 476 
U   "H4'"  H N N 477 
U   "H3'"  H N N 478 
U   "HO3'" H N N 479 
U   "H2'"  H N N 480 
U   "HO2'" H N N 481 
U   "H1'"  H N N 482 
U   H3     H N N 483 
U   H5     H N N 484 
U   H6     H N N 485 
VAL N      N N N 486 
VAL CA     C N S 487 
VAL C      C N N 488 
VAL O      O N N 489 
VAL CB     C N N 490 
VAL CG1    C N N 491 
VAL CG2    C N N 492 
VAL OXT    O N N 493 
VAL H      H N N 494 
VAL H2     H N N 495 
VAL HA     H N N 496 
VAL HB     H N N 497 
VAL HG11   H N N 498 
VAL HG12   H N N 499 
VAL HG13   H N N 500 
VAL HG21   H N N 501 
VAL HG22   H N N 502 
VAL HG23   H N N 503 
VAL HXT    H N N 504 
# 
loop_
_chem_comp_bond.comp_id 
_chem_comp_bond.atom_id_1 
_chem_comp_bond.atom_id_2 
_chem_comp_bond.value_order 
_chem_comp_bond.pdbx_aromatic_flag 
_chem_comp_bond.pdbx_stereo_config 
_chem_comp_bond.pdbx_ordinal 
A   OP3   P      sing N N 1   
A   OP3   HOP3   sing N N 2   
A   P     OP1    doub N N 3   
A   P     OP2    sing N N 4   
A   P     "O5'"  sing N N 5   
A   OP2   HOP2   sing N N 6   
A   "O5'" "C5'"  sing N N 7   
A   "C5'" "C4'"  sing N N 8   
A   "C5'" "H5'"  sing N N 9   
A   "C5'" "H5''" sing N N 10  
A   "C4'" "O4'"  sing N N 11  
A   "C4'" "C3'"  sing N N 12  
A   "C4'" "H4'"  sing N N 13  
A   "O4'" "C1'"  sing N N 14  
A   "C3'" "O3'"  sing N N 15  
A   "C3'" "C2'"  sing N N 16  
A   "C3'" "H3'"  sing N N 17  
A   "O3'" "HO3'" sing N N 18  
A   "C2'" "O2'"  sing N N 19  
A   "C2'" "C1'"  sing N N 20  
A   "C2'" "H2'"  sing N N 21  
A   "O2'" "HO2'" sing N N 22  
A   "C1'" N9     sing N N 23  
A   "C1'" "H1'"  sing N N 24  
A   N9    C8     sing Y N 25  
A   N9    C4     sing Y N 26  
A   C8    N7     doub Y N 27  
A   C8    H8     sing N N 28  
A   N7    C5     sing Y N 29  
A   C5    C6     sing Y N 30  
A   C5    C4     doub Y N 31  
A   C6    N6     sing N N 32  
A   C6    N1     doub Y N 33  
A   N6    H61    sing N N 34  
A   N6    H62    sing N N 35  
A   N1    C2     sing Y N 36  
A   C2    N3     doub Y N 37  
A   C2    H2     sing N N 38  
A   N3    C4     sing Y N 39  
ALA N     CA     sing N N 40  
ALA N     H      sing N N 41  
ALA N     H2     sing N N 42  
ALA CA    C      sing N N 43  
ALA CA    CB     sing N N 44  
ALA CA    HA     sing N N 45  
ALA C     O      doub N N 46  
ALA C     OXT    sing N N 47  
ALA CB    HB1    sing N N 48  
ALA CB    HB2    sing N N 49  
ALA CB    HB3    sing N N 50  
ALA OXT   HXT    sing N N 51  
ARG N     CA     sing N N 52  
ARG N     H      sing N N 53  
ARG N     H2     sing N N 54  
ARG CA    C      sing N N 55  
ARG CA    CB     sing N N 56  
ARG CA    HA     sing N N 57  
ARG C     O      doub N N 58  
ARG C     OXT    sing N N 59  
ARG CB    CG     sing N N 60  
ARG CB    HB2    sing N N 61  
ARG CB    HB3    sing N N 62  
ARG CG    CD     sing N N 63  
ARG CG    HG2    sing N N 64  
ARG CG    HG3    sing N N 65  
ARG CD    NE     sing N N 66  
ARG CD    HD2    sing N N 67  
ARG CD    HD3    sing N N 68  
ARG NE    CZ     sing N N 69  
ARG NE    HE     sing N N 70  
ARG CZ    NH1    sing N N 71  
ARG CZ    NH2    doub N N 72  
ARG NH1   HH11   sing N N 73  
ARG NH1   HH12   sing N N 74  
ARG NH2   HH21   sing N N 75  
ARG NH2   HH22   sing N N 76  
ARG OXT   HXT    sing N N 77  
ASN N     CA     sing N N 78  
ASN N     H      sing N N 79  
ASN N     H2     sing N N 80  
ASN CA    C      sing N N 81  
ASN CA    CB     sing N N 82  
ASN CA    HA     sing N N 83  
ASN C     O      doub N N 84  
ASN C     OXT    sing N N 85  
ASN CB    CG     sing N N 86  
ASN CB    HB2    sing N N 87  
ASN CB    HB3    sing N N 88  
ASN CG    OD1    doub N N 89  
ASN CG    ND2    sing N N 90  
ASN ND2   HD21   sing N N 91  
ASN ND2   HD22   sing N N 92  
ASN OXT   HXT    sing N N 93  
ASP N     CA     sing N N 94  
ASP N     H      sing N N 95  
ASP N     H2     sing N N 96  
ASP CA    C      sing N N 97  
ASP CA    CB     sing N N 98  
ASP CA    HA     sing N N 99  
ASP C     O      doub N N 100 
ASP C     OXT    sing N N 101 
ASP CB    CG     sing N N 102 
ASP CB    HB2    sing N N 103 
ASP CB    HB3    sing N N 104 
ASP CG    OD1    doub N N 105 
ASP CG    OD2    sing N N 106 
ASP OD2   HD2    sing N N 107 
ASP OXT   HXT    sing N N 108 
C   OP3   P      sing N N 109 
C   OP3   HOP3   sing N N 110 
C   P     OP1    doub N N 111 
C   P     OP2    sing N N 112 
C   P     "O5'"  sing N N 113 
C   OP2   HOP2   sing N N 114 
C   "O5'" "C5'"  sing N N 115 
C   "C5'" "C4'"  sing N N 116 
C   "C5'" "H5'"  sing N N 117 
C   "C5'" "H5''" sing N N 118 
C   "C4'" "O4'"  sing N N 119 
C   "C4'" "C3'"  sing N N 120 
C   "C4'" "H4'"  sing N N 121 
C   "O4'" "C1'"  sing N N 122 
C   "C3'" "O3'"  sing N N 123 
C   "C3'" "C2'"  sing N N 124 
C   "C3'" "H3'"  sing N N 125 
C   "O3'" "HO3'" sing N N 126 
C   "C2'" "O2'"  sing N N 127 
C   "C2'" "C1'"  sing N N 128 
C   "C2'" "H2'"  sing N N 129 
C   "O2'" "HO2'" sing N N 130 
C   "C1'" N1     sing N N 131 
C   "C1'" "H1'"  sing N N 132 
C   N1    C2     sing N N 133 
C   N1    C6     sing N N 134 
C   C2    O2     doub N N 135 
C   C2    N3     sing N N 136 
C   N3    C4     doub N N 137 
C   C4    N4     sing N N 138 
C   C4    C5     sing N N 139 
C   N4    H41    sing N N 140 
C   N4    H42    sing N N 141 
C   C5    C6     doub N N 142 
C   C5    H5     sing N N 143 
C   C6    H6     sing N N 144 
CYS N     CA     sing N N 145 
CYS N     H      sing N N 146 
CYS N     H2     sing N N 147 
CYS CA    C      sing N N 148 
CYS CA    CB     sing N N 149 
CYS CA    HA     sing N N 150 
CYS C     O      doub N N 151 
CYS C     OXT    sing N N 152 
CYS CB    SG     sing N N 153 
CYS CB    HB2    sing N N 154 
CYS CB    HB3    sing N N 155 
CYS SG    HG     sing N N 156 
CYS OXT   HXT    sing N N 157 
G   OP3   P      sing N N 158 
G   OP3   HOP3   sing N N 159 
G   P     OP1    doub N N 160 
G   P     OP2    sing N N 161 
G   P     "O5'"  sing N N 162 
G   OP2   HOP2   sing N N 163 
G   "O5'" "C5'"  sing N N 164 
G   "C5'" "C4'"  sing N N 165 
G   "C5'" "H5'"  sing N N 166 
G   "C5'" "H5''" sing N N 167 
G   "C4'" "O4'"  sing N N 168 
G   "C4'" "C3'"  sing N N 169 
G   "C4'" "H4'"  sing N N 170 
G   "O4'" "C1'"  sing N N 171 
G   "C3'" "O3'"  sing N N 172 
G   "C3'" "C2'"  sing N N 173 
G   "C3'" "H3'"  sing N N 174 
G   "O3'" "HO3'" sing N N 175 
G   "C2'" "O2'"  sing N N 176 
G   "C2'" "C1'"  sing N N 177 
G   "C2'" "H2'"  sing N N 178 
G   "O2'" "HO2'" sing N N 179 
G   "C1'" N9     sing N N 180 
G   "C1'" "H1'"  sing N N 181 
G   N9    C8     sing Y N 182 
G   N9    C4     sing Y N 183 
G   C8    N7     doub Y N 184 
G   C8    H8     sing N N 185 
G   N7    C5     sing Y N 186 
G   C5    C6     sing N N 187 
G   C5    C4     doub Y N 188 
G   C6    O6     doub N N 189 
G   C6    N1     sing N N 190 
G   N1    C2     sing N N 191 
G   N1    H1     sing N N 192 
G   C2    N2     sing N N 193 
G   C2    N3     doub N N 194 
G   N2    H21    sing N N 195 
G   N2    H22    sing N N 196 
G   N3    C4     sing N N 197 
GLN N     CA     sing N N 198 
GLN N     H      sing N N 199 
GLN N     H2     sing N N 200 
GLN CA    C      sing N N 201 
GLN CA    CB     sing N N 202 
GLN CA    HA     sing N N 203 
GLN C     O      doub N N 204 
GLN C     OXT    sing N N 205 
GLN CB    CG     sing N N 206 
GLN CB    HB2    sing N N 207 
GLN CB    HB3    sing N N 208 
GLN CG    CD     sing N N 209 
GLN CG    HG2    sing N N 210 
GLN CG    HG3    sing N N 211 
GLN CD    OE1    doub N N 212 
GLN CD    NE2    sing N N 213 
GLN NE2   HE21   sing N N 214 
GLN NE2   HE22   sing N N 215 
GLN OXT   HXT    sing N N 216 
GLU N     CA     sing N N 217 
GLU N     H      sing N N 218 
GLU N     H2     sing N N 219 
GLU CA    C      sing N N 220 
GLU CA    CB     sing N N 221 
GLU CA    HA     sing N N 222 
GLU C     O      doub N N 223 
GLU C     OXT    sing N N 224 
GLU CB    CG     sing N N 225 
GLU CB    HB2    sing N N 226 
GLU CB    HB3    sing N N 227 
GLU CG    CD     sing N N 228 
GLU CG    HG2    sing N N 229 
GLU CG    HG3    sing N N 230 
GLU CD    OE1    doub N N 231 
GLU CD    OE2    sing N N 232 
GLU OE2   HE2    sing N N 233 
GLU OXT   HXT    sing N N 234 
GLY N     CA     sing N N 235 
GLY N     H      sing N N 236 
GLY N     H2     sing N N 237 
GLY CA    C      sing N N 238 
GLY CA    HA2    sing N N 239 
GLY CA    HA3    sing N N 240 
GLY C     O      doub N N 241 
GLY C     OXT    sing N N 242 
GLY OXT   HXT    sing N N 243 
HIS N     CA     sing N N 244 
HIS N     H      sing N N 245 
HIS N     H2     sing N N 246 
HIS CA    C      sing N N 247 
HIS CA    CB     sing N N 248 
HIS CA    HA     sing N N 249 
HIS C     O      doub N N 250 
HIS C     OXT    sing N N 251 
HIS CB    CG     sing N N 252 
HIS CB    HB2    sing N N 253 
HIS CB    HB3    sing N N 254 
HIS CG    ND1    sing Y N 255 
HIS CG    CD2    doub Y N 256 
HIS ND1   CE1    doub Y N 257 
HIS ND1   HD1    sing N N 258 
HIS CD2   NE2    sing Y N 259 
HIS CD2   HD2    sing N N 260 
HIS CE1   NE2    sing Y N 261 
HIS CE1   HE1    sing N N 262 
HIS NE2   HE2    sing N N 263 
HIS OXT   HXT    sing N N 264 
ILE N     CA     sing N N 265 
ILE N     H      sing N N 266 
ILE N     H2     sing N N 267 
ILE CA    C      sing N N 268 
ILE CA    CB     sing N N 269 
ILE CA    HA     sing N N 270 
ILE C     O      doub N N 271 
ILE C     OXT    sing N N 272 
ILE CB    CG1    sing N N 273 
ILE CB    CG2    sing N N 274 
ILE CB    HB     sing N N 275 
ILE CG1   CD1    sing N N 276 
ILE CG1   HG12   sing N N 277 
ILE CG1   HG13   sing N N 278 
ILE CG2   HG21   sing N N 279 
ILE CG2   HG22   sing N N 280 
ILE CG2   HG23   sing N N 281 
ILE CD1   HD11   sing N N 282 
ILE CD1   HD12   sing N N 283 
ILE CD1   HD13   sing N N 284 
ILE OXT   HXT    sing N N 285 
LEU N     CA     sing N N 286 
LEU N     H      sing N N 287 
LEU N     H2     sing N N 288 
LEU CA    C      sing N N 289 
LEU CA    CB     sing N N 290 
LEU CA    HA     sing N N 291 
LEU C     O      doub N N 292 
LEU C     OXT    sing N N 293 
LEU CB    CG     sing N N 294 
LEU CB    HB2    sing N N 295 
LEU CB    HB3    sing N N 296 
LEU CG    CD1    sing N N 297 
LEU CG    CD2    sing N N 298 
LEU CG    HG     sing N N 299 
LEU CD1   HD11   sing N N 300 
LEU CD1   HD12   sing N N 301 
LEU CD1   HD13   sing N N 302 
LEU CD2   HD21   sing N N 303 
LEU CD2   HD22   sing N N 304 
LEU CD2   HD23   sing N N 305 
LEU OXT   HXT    sing N N 306 
LYS N     CA     sing N N 307 
LYS N     H      sing N N 308 
LYS N     H2     sing N N 309 
LYS CA    C      sing N N 310 
LYS CA    CB     sing N N 311 
LYS CA    HA     sing N N 312 
LYS C     O      doub N N 313 
LYS C     OXT    sing N N 314 
LYS CB    CG     sing N N 315 
LYS CB    HB2    sing N N 316 
LYS CB    HB3    sing N N 317 
LYS CG    CD     sing N N 318 
LYS CG    HG2    sing N N 319 
LYS CG    HG3    sing N N 320 
LYS CD    CE     sing N N 321 
LYS CD    HD2    sing N N 322 
LYS CD    HD3    sing N N 323 
LYS CE    NZ     sing N N 324 
LYS CE    HE2    sing N N 325 
LYS CE    HE3    sing N N 326 
LYS NZ    HZ1    sing N N 327 
LYS NZ    HZ2    sing N N 328 
LYS NZ    HZ3    sing N N 329 
LYS OXT   HXT    sing N N 330 
MET N     CA     sing N N 331 
MET N     H      sing N N 332 
MET N     H2     sing N N 333 
MET CA    C      sing N N 334 
MET CA    CB     sing N N 335 
MET CA    HA     sing N N 336 
MET C     O      doub N N 337 
MET C     OXT    sing N N 338 
MET CB    CG     sing N N 339 
MET CB    HB2    sing N N 340 
MET CB    HB3    sing N N 341 
MET CG    SD     sing N N 342 
MET CG    HG2    sing N N 343 
MET CG    HG3    sing N N 344 
MET SD    CE     sing N N 345 
MET CE    HE1    sing N N 346 
MET CE    HE2    sing N N 347 
MET CE    HE3    sing N N 348 
MET OXT   HXT    sing N N 349 
PHE N     CA     sing N N 350 
PHE N     H      sing N N 351 
PHE N     H2     sing N N 352 
PHE CA    C      sing N N 353 
PHE CA    CB     sing N N 354 
PHE CA    HA     sing N N 355 
PHE C     O      doub N N 356 
PHE C     OXT    sing N N 357 
PHE CB    CG     sing N N 358 
PHE CB    HB2    sing N N 359 
PHE CB    HB3    sing N N 360 
PHE CG    CD1    doub Y N 361 
PHE CG    CD2    sing Y N 362 
PHE CD1   CE1    sing Y N 363 
PHE CD1   HD1    sing N N 364 
PHE CD2   CE2    doub Y N 365 
PHE CD2   HD2    sing N N 366 
PHE CE1   CZ     doub Y N 367 
PHE CE1   HE1    sing N N 368 
PHE CE2   CZ     sing Y N 369 
PHE CE2   HE2    sing N N 370 
PHE CZ    HZ     sing N N 371 
PHE OXT   HXT    sing N N 372 
PRO N     CA     sing N N 373 
PRO N     CD     sing N N 374 
PRO N     H      sing N N 375 
PRO CA    C      sing N N 376 
PRO CA    CB     sing N N 377 
PRO CA    HA     sing N N 378 
PRO C     O      doub N N 379 
PRO C     OXT    sing N N 380 
PRO CB    CG     sing N N 381 
PRO CB    HB2    sing N N 382 
PRO CB    HB3    sing N N 383 
PRO CG    CD     sing N N 384 
PRO CG    HG2    sing N N 385 
PRO CG    HG3    sing N N 386 
PRO CD    HD2    sing N N 387 
PRO CD    HD3    sing N N 388 
PRO OXT   HXT    sing N N 389 
SER N     CA     sing N N 390 
SER N     H      sing N N 391 
SER N     H2     sing N N 392 
SER CA    C      sing N N 393 
SER CA    CB     sing N N 394 
SER CA    HA     sing N N 395 
SER C     O      doub N N 396 
SER C     OXT    sing N N 397 
SER CB    OG     sing N N 398 
SER CB    HB2    sing N N 399 
SER CB    HB3    sing N N 400 
SER OG    HG     sing N N 401 
SER OXT   HXT    sing N N 402 
THR N     CA     sing N N 403 
THR N     H      sing N N 404 
THR N     H2     sing N N 405 
THR CA    C      sing N N 406 
THR CA    CB     sing N N 407 
THR CA    HA     sing N N 408 
THR C     O      doub N N 409 
THR C     OXT    sing N N 410 
THR CB    OG1    sing N N 411 
THR CB    CG2    sing N N 412 
THR CB    HB     sing N N 413 
THR OG1   HG1    sing N N 414 
THR CG2   HG21   sing N N 415 
THR CG2   HG22   sing N N 416 
THR CG2   HG23   sing N N 417 
THR OXT   HXT    sing N N 418 
TYR N     CA     sing N N 419 
TYR N     H      sing N N 420 
TYR N     H2     sing N N 421 
TYR CA    C      sing N N 422 
TYR CA    CB     sing N N 423 
TYR CA    HA     sing N N 424 
TYR C     O      doub N N 425 
TYR C     OXT    sing N N 426 
TYR CB    CG     sing N N 427 
TYR CB    HB2    sing N N 428 
TYR CB    HB3    sing N N 429 
TYR CG    CD1    doub Y N 430 
TYR CG    CD2    sing Y N 431 
TYR CD1   CE1    sing Y N 432 
TYR CD1   HD1    sing N N 433 
TYR CD2   CE2    doub Y N 434 
TYR CD2   HD2    sing N N 435 
TYR CE1   CZ     doub Y N 436 
TYR CE1   HE1    sing N N 437 
TYR CE2   CZ     sing Y N 438 
TYR CE2   HE2    sing N N 439 
TYR CZ    OH     sing N N 440 
TYR OH    HH     sing N N 441 
TYR OXT   HXT    sing N N 442 
U   OP3   P      sing N N 443 
U   OP3   HOP3   sing N N 444 
U   P     OP1    doub N N 445 
U   P     OP2    sing N N 446 
U   P     "O5'"  sing N N 447 
U   OP2   HOP2   sing N N 448 
U   "O5'" "C5'"  sing N N 449 
U   "C5'" "C4'"  sing N N 450 
U   "C5'" "H5'"  sing N N 451 
U   "C5'" "H5''" sing N N 452 
U   "C4'" "O4'"  sing N N 453 
U   "C4'" "C3'"  sing N N 454 
U   "C4'" "H4'"  sing N N 455 
U   "O4'" "C1'"  sing N N 456 
U   "C3'" "O3'"  sing N N 457 
U   "C3'" "C2'"  sing N N 458 
U   "C3'" "H3'"  sing N N 459 
U   "O3'" "HO3'" sing N N 460 
U   "C2'" "O2'"  sing N N 461 
U   "C2'" "C1'"  sing N N 462 
U   "C2'" "H2'"  sing N N 463 
U   "O2'" "HO2'" sing N N 464 
U   "C1'" N1     sing N N 465 
U   "C1'" "H1'"  sing N N 466 
U   N1    C2     sing N N 467 
U   N1    C6     sing N N 468 
U   C2    O2     doub N N 469 
U   C2    N3     sing N N 470 
U   N3    C4     sing N N 471 
U   N3    H3     sing N N 472 
U   C4    O4     doub N N 473 
U   C4    C5     sing N N 474 
U   C5    C6     doub N N 475 
U   C5    H5     sing N N 476 
U   C6    H6     sing N N 477 
VAL N     CA     sing N N 478 
VAL N     H      sing N N 479 
VAL N     H2     sing N N 480 
VAL CA    C      sing N N 481 
VAL CA    CB     sing N N 482 
VAL CA    HA     sing N N 483 
VAL C     O      doub N N 484 
VAL C     OXT    sing N N 485 
VAL CB    CG1    sing N N 486 
VAL CB    CG2    sing N N 487 
VAL CB    HB     sing N N 488 
VAL CG1   HG11   sing N N 489 
VAL CG1   HG12   sing N N 490 
VAL CG1   HG13   sing N N 491 
VAL CG2   HG21   sing N N 492 
VAL CG2   HG22   sing N N 493 
VAL CG2   HG23   sing N N 494 
VAL OXT   HXT    sing N N 495 
# 
_em_ctf_correction.id        1 
_em_ctf_correction.details   'Wiener filtering of 3D-maps' 
_em_ctf_correction.type      . 
# 
_em_image_processing.id                   1 
_em_image_processing.image_recording_id   1 
_em_image_processing.details              ? 
# 
_em_image_recording.details                       ? 
_em_image_recording.id                            1 
_em_image_recording.avg_electron_dose_per_image   20 
_em_image_recording.film_or_detector_model        'KODAK SO-163 FILM' 
_em_image_recording.imaging_id                    1 
_em_image_recording.detector_mode                 ? 
_em_image_recording.average_exposure_time         ? 
_em_image_recording.num_diffraction_images        ? 
_em_image_recording.num_grids_imaged              ? 
_em_image_recording.num_real_images               ? 
# 
loop_
_em_software.id 
_em_software.name 
_em_software.version 
_em_software.category 
_em_software.details 
_em_software.image_processing_id 
1 O      ? 'MODEL FITTING' ? ? 
2 SPIDER ? RECONSTRUCTION  ? 1 
# 
_em_specimen.experiment_id           1 
_em_specimen.id                      1 
_em_specimen.concentration           32 
_em_specimen.vitrification_applied   YES 
_em_specimen.staining_applied        NO 
_em_specimen.embedding_applied       NO 
_em_specimen.shadowing_applied       NO 
_em_specimen.details                 ? 
# 
loop_
_pdbx_coordinate_model.asym_id 
_pdbx_coordinate_model.type 
A 'P ATOMS ONLY'  
B 'P ATOMS ONLY'  
C 'P ATOMS ONLY'  
D 'P ATOMS ONLY'  
E 'P ATOMS ONLY'  
F 'P ATOMS ONLY'  
G 'CA ATOMS ONLY' 
H 'CA ATOMS ONLY' 
# 
loop_
_pdbx_initial_refinement_model.id 
_pdbx_initial_refinement_model.type 
_pdbx_initial_refinement_model.source_name 
_pdbx_initial_refinement_model.accession_code 
1 'experimental model' PDB 1GIX 
2 'experimental model' PDB 1GIY 
# 
_atom_sites.entry_id                    1MVR 
_atom_sites.fract_transf_matrix[1][1]   1.000000 
_atom_sites.fract_transf_matrix[1][2]   0.000000 
_atom_sites.fract_transf_matrix[1][3]   0.000000 
_atom_sites.fract_transf_matrix[2][1]   0.000000 
_atom_sites.fract_transf_matrix[2][2]   1.000000 
_atom_sites.fract_transf_matrix[2][3]   0.000000 
_atom_sites.fract_transf_matrix[3][1]   0.000000 
_atom_sites.fract_transf_matrix[3][2]   0.000000 
_atom_sites.fract_transf_matrix[3][3]   1.000000 
_atom_sites.fract_transf_vector[1]      0.00000 
_atom_sites.fract_transf_vector[2]      0.00000 
_atom_sites.fract_transf_vector[3]      0.00000 
# 
loop_
_atom_type.symbol 
C 
P 
# 
loop_
_atom_site.group_PDB 
_atom_site.id 
_atom_site.type_symbol 
_atom_site.label_atom_id 
_atom_site.label_alt_id 
_atom_site.label_comp_id 
_atom_site.label_asym_id 
_atom_site.label_entity_id 
_atom_site.label_seq_id 
_atom_site.pdbx_PDB_ins_code 
_atom_site.Cartn_x 
_atom_site.Cartn_y 
_atom_site.Cartn_z 
_atom_site.occupancy 
_atom_site.B_iso_or_equiv 
_atom_site.pdbx_formal_charge 
_atom_site.auth_seq_id 
_atom_site.auth_comp_id 
_atom_site.auth_asym_id 
_atom_site.auth_atom_id 
_atom_site.pdbx_PDB_model_num 
ATOM 1   P P  . U   A 1 1   ? -30.840 -43.832 38.823  1.00 0.00 ? 11   U   1 P  1 
ATOM 2   P P  . U   A 1 2   ? -29.256 -38.590 36.918  1.00 0.00 ? 12   U   1 P  1 
ATOM 3   P P  . U   A 1 3   ? -29.088 -34.496 32.814  1.00 0.00 ? 13   U   1 P  1 
ATOM 4   P P  . A   B 2 1   ? -43.108 -18.584 -19.963 1.00 0.00 ? 1046 A   A P  1 
ATOM 5   P P  . G   B 2 2   ? -40.115 -24.976 -19.917 1.00 0.00 ? 1047 G   A P  1 
ATOM 6   P P  . G   B 2 3   ? -37.418 -28.829 -17.057 1.00 0.00 ? 1048 G   A P  1 
ATOM 7   P P  . U   B 2 4   ? -39.439 -29.577 -11.981 1.00 0.00 ? 1049 U   A P  1 
ATOM 8   P P  . G   B 2 5   ? -33.895 -30.262 -11.399 1.00 0.00 ? 1050 G   A P  1 
ATOM 9   P P  . C   B 2 6   ? -33.052 -29.938 -5.042  1.00 0.00 ? 1051 C   A P  1 
ATOM 10  P P  . U   B 2 7   ? -33.724 -28.814 0.457   1.00 0.00 ? 1052 U   A P  1 
ATOM 11  P P  . G   B 2 8   ? -36.739 -28.162 4.374   1.00 0.00 ? 1053 G   A P  1 
ATOM 12  P P  . C   B 2 9   ? -41.876 -29.971 8.671   1.00 0.00 ? 1054 C   A P  1 
ATOM 13  P P  . A   B 2 10  ? -41.852 -24.383 5.135   1.00 0.00 ? 1055 A   A P  1 
ATOM 14  P P  . U   B 2 11  ? -47.712 -25.043 7.441   1.00 0.00 ? 1056 U   A P  1 
ATOM 15  P P  . G   B 2 12  ? -53.340 -27.642 3.182   1.00 0.00 ? 1057 G   A P  1 
ATOM 16  P P  . G   B 2 13  ? -53.853 -33.276 0.324   1.00 0.00 ? 1058 G   A P  1 
ATOM 17  P P  . C   B 2 14  ? -53.522 -38.603 -0.933  1.00 0.00 ? 1059 C   A P  1 
ATOM 18  P P  . C   B 2 15  ? -51.313 -43.518 1.373   1.00 0.00 ? 1060 C   A P  1 
ATOM 19  P P  . G   B 2 16  ? -49.141 -44.730 6.313   1.00 0.00 ? 1061 G   A P  1 
ATOM 20  P P  . U   B 2 17  ? -46.511 -46.565 10.975  1.00 0.00 ? 1062 U   A P  1 
ATOM 21  P P  . C   B 2 18  ? -46.992 -46.777 16.413  1.00 0.00 ? 1063 C   A P  1 
ATOM 22  P P  . G   B 2 19  ? -50.016 -47.096 21.859  1.00 0.00 ? 1064 G   A P  1 
ATOM 23  P P  . U   B 2 20  ? -53.464 -48.881 16.627  1.00 0.00 ? 1065 U   A P  1 
ATOM 24  P P  . C   B 2 21  ? -58.188 -52.035 19.347  1.00 0.00 ? 1066 C   A P  1 
ATOM 25  P P  . A   B 2 22  ? -60.349 -50.533 24.009  1.00 0.00 ? 1067 A   A P  1 
ATOM 26  P P  . A   B 2 23  ? -58.178 -56.629 6.013   1.00 0.00 ? 1188 A   A P  1 
ATOM 27  P P  . C   B 2 24  ? -60.335 -52.547 3.228   1.00 0.00 ? 1189 C   A P  1 
ATOM 28  P P  . G   B 2 25  ? -61.897 -47.632 7.831   1.00 0.00 ? 1190 G   A P  1 
ATOM 29  P P  . A   B 2 26  ? -63.131 -45.143 12.108  1.00 0.00 ? 1191 A   A P  1 
ATOM 30  P P  . C   B 2 27  ? -61.678 -39.975 12.312  1.00 0.00 ? 1192 C   A P  1 
ATOM 31  P P  . G   B 2 28  ? -58.926 -34.024 15.107  1.00 0.00 ? 1193 G   A P  1 
ATOM 32  P P  . U   B 2 29  ? -53.364 -32.100 18.144  1.00 0.00 ? 1194 U   A P  1 
ATOM 33  P P  . C   B 2 30  ? -48.440 -34.329 18.544  1.00 0.00 ? 1195 C   A P  1 
ATOM 34  P P  . U   B 2 31  ? -43.302 -34.093 16.542  1.00 0.00 ? 1196 U   A P  1 
ATOM 35  P P  . G   B 2 32  ? -43.194 -32.452 12.196  1.00 0.00 ? 1197 G   A P  1 
ATOM 36  P P  . G   B 2 33  ? -39.395 -34.938 10.846  1.00 0.00 ? 1198 G   A P  1 
ATOM 37  P P  . U   B 2 34  ? -37.542 -35.337 5.959   1.00 0.00 ? 1199 U   A P  1 
ATOM 38  P P  . C   B 2 35  ? -40.513 -35.482 1.354   1.00 0.00 ? 1200 C   A P  1 
ATOM 39  P P  . A   B 2 36  ? -39.304 -31.015 -3.151  1.00 0.00 ? 1201 A   A P  1 
ATOM 40  P P  . G   B 2 37  ? -40.371 -35.279 -6.297  1.00 0.00 ? 1202 G   A P  1 
ATOM 41  P P  . C   B 2 38  ? -44.486 -34.654 -9.838  1.00 0.00 ? 1203 C   A P  1 
ATOM 42  P P  . A   B 2 39  ? -48.237 -31.494 -10.984 1.00 0.00 ? 1204 A   A P  1 
ATOM 43  P P  . U   B 2 40  ? -49.578 -25.347 -9.761  1.00 0.00 ? 1205 U   A P  1 
ATOM 44  P P  . G   B 2 41  ? -48.653 -21.090 -4.002  1.00 0.00 ? 1206 G   A P  1 
ATOM 45  P P  . G   B 2 42  ? -44.170 -16.790 -3.404  1.00 0.00 ? 1207 G   A P  1 
ATOM 46  P P  . C   B 2 43  ? -38.035 -15.736 -3.372  1.00 0.00 ? 1208 C   A P  1 
ATOM 47  P P  . C   B 2 44  ? -32.837 -15.490 -6.549  1.00 0.00 ? 1209 C   A P  1 
ATOM 48  P P  . C   B 2 45  ? -28.204 -17.610 -10.778 1.00 0.00 ? 1210 C   A P  1 
ATOM 49  P P  . C   C 3 1   ? -34.572 -38.477 28.922  1.00 0.00 ? 1400 C   B P  1 
ATOM 50  P P  . G   C 3 2   ? -35.559 -33.866 29.607  1.00 0.00 ? 1401 G   B P  1 
ATOM 51  P P  . C   C 3 3   ? -36.635 -30.784 33.214  1.00 0.00 ? 1402 C   B P  1 
ATOM 52  P P  . C   C 3 4   ? -33.580 -29.527 37.548  1.00 0.00 ? 1403 C   B P  1 
ATOM 53  P P  . C   C 3 5   ? -31.037 -27.428 41.481  1.00 0.00 ? 1404 C   B P  1 
ATOM 54  P P  . G   C 3 6   ? -26.257 -26.778 45.056  1.00 0.00 ? 1405 G   B P  1 
ATOM 55  P P  . U   C 3 7   ? -20.115 -26.489 45.940  1.00 0.00 ? 1406 U   B P  1 
ATOM 56  P P  . C   C 3 8   ? -14.068 -25.001 44.002  1.00 0.00 ? 1407 C   B P  1 
ATOM 57  P P  . A   C 3 9   ? -10.132 -23.561 40.274  1.00 0.00 ? 1408 A   B P  1 
ATOM 58  P P  . C   C 3 10  ? -7.794  -19.623 36.509  1.00 0.00 ? 1409 C   B P  1 
ATOM 59  P P  . G   C 3 11  ? -8.616  -15.224 33.276  1.00 0.00 ? 1410 G   B P  1 
ATOM 60  P P  . C   C 3 12  ? -10.798 -10.042 32.961  1.00 0.00 ? 1411 C   B P  1 
ATOM 61  P P  . C   C 3 13  ? -13.476 -5.172  35.469  1.00 0.00 ? 1412 C   B P  1 
ATOM 62  P P  . A   C 3 14  ? -15.588 -1.759  39.651  1.00 0.00 ? 1413 A   B P  1 
ATOM 63  P P  . U   C 3 15  ? -18.190 -2.324  46.244  1.00 0.00 ? 1414 U   B P  1 
ATOM 64  P P  . G   C 3 16  ? -16.408 -4.804  52.000  1.00 0.00 ? 1415 G   B P  1 
ATOM 65  P P  . G   C 3 17  ? -13.277 -5.735  56.183  1.00 0.00 ? 1416 G   B P  1 
ATOM 66  P P  . G   C 3 18  ? -8.439  -5.194  58.845  1.00 0.00 ? 1417 G   B P  1 
ATOM 67  P P  . A   C 3 19  ? -1.742  -2.953  60.030  1.00 0.00 ? 1418 A   B P  1 
ATOM 68  P P  . G   C 3 20  ? 1.113   3.406   59.606  1.00 0.00 ? 1419 G   B P  1 
ATOM 69  P P  . C   C 3 21  ? 1.429   8.894   56.686  1.00 0.00 ? 1420 C   B P  1 
ATOM 70  P P  . G   C 3 22  ? -1.377  13.631  54.438  1.00 0.00 ? 1421 G   B P  1 
ATOM 71  P P  . G   C 3 23  ? -5.912  16.950  54.537  1.00 0.00 ? 1422 G   B P  1 
ATOM 72  P P  . G   C 3 24  ? -10.087 18.969  58.035  1.00 0.00 ? 1423 G   B P  1 
ATOM 73  P P  . C   C 3 25  ? -14.158 19.835  62.539  1.00 0.00 ? 1424 C   B P  1 
ATOM 74  P P  . U   C 3 26  ? -14.024 21.190  67.744  1.00 0.00 ? 1425 U   B P  1 
ATOM 75  P P  . C   C 3 27  ? -11.943 21.020  73.205  1.00 0.00 ? 1426 C   B P  1 
ATOM 76  P P  . U   C 3 28  ? -8.243  21.184  77.626  1.00 0.00 ? 1427 U   B P  1 
ATOM 77  P P  . A   C 3 29  ? -3.378  22.953  79.787  1.00 0.00 ? 1428 A   B P  1 
ATOM 78  P P  . C   C 3 30  ? 1.106   26.266  79.804  1.00 0.00 ? 1429 C   B P  1 
ATOM 79  P P  . C   C 3 31  ? 3.963   30.817  76.365  1.00 0.00 ? 1430 C   B P  1 
ATOM 80  P P  . C   C 3 32  ? 4.209   34.985  72.463  1.00 0.00 ? 1431 C   B P  1 
ATOM 81  P P  . G   C 3 33  ? 1.647   39.076  69.683  1.00 0.00 ? 1432 G   B P  1 
ATOM 82  P P  . A   C 3 34  ? -3.859  41.968  68.833  1.00 0.00 ? 1433 A   B P  1 
ATOM 83  P P  . A   C 3 35  ? -7.374  46.168  67.096  1.00 0.00 ? 1434 A   B P  1 
ATOM 84  P P  . G   C 3 36  ? -6.245  46.329  68.994  1.00 0.00 ? 1435 G   B P  1 
ATOM 85  P P  . U   C 3 37  ? -10.185 48.052  72.797  1.00 0.00 ? 1436 U   B P  1 
ATOM 86  P P  . C   C 3 38  ? -12.552 49.040  78.405  1.00 0.00 ? 1437 C   B P  1 
ATOM 87  P P  . G   C 3 39  ? -11.040 48.828  84.010  1.00 0.00 ? 1438 G   B P  1 
ATOM 88  P P  . C   C 3 40  ? -7.112  49.961  87.988  1.00 0.00 ? 1439 C   B P  1 
ATOM 89  P P  . C   C 3 41  ? -2.215  52.830  89.347  1.00 0.00 ? 1440 C   B P  1 
ATOM 90  P P  . G   C 3 42  ? 1.961   56.569  88.252  1.00 0.00 ? 1441 G   B P  1 
ATOM 91  P P  . G   C 3 43  ? 6.262   55.239  87.052  1.00 0.00 ? 1442 G   B P  1 
ATOM 92  P P  . G   C 3 44  ? 9.893   59.135  88.604  1.00 0.00 ? 1443 G   B P  1 
ATOM 93  P P  . A   C 3 45  ? 11.699  60.695  84.676  1.00 0.00 ? 1446 A   B P  1 
ATOM 94  P P  . G   C 3 46  ? 10.255  64.584  79.745  1.00 0.00 ? 1447 G   B P  1 
ATOM 95  P P  . C   C 3 47  ? 6.599   67.434  75.745  1.00 0.00 ? 1448 C   B P  1 
ATOM 96  P P  . C   C 3 48  ? 2.079   70.696  74.687  1.00 0.00 ? 1449 C   B P  1 
ATOM 97  P P  . U   C 3 49  ? -2.399  73.182  75.839  1.00 0.00 ? 1450 U   B P  1 
ATOM 98  P P  . A   C 3 50  ? -4.876  74.939  81.200  1.00 0.00 ? 1451 A   B P  1 
ATOM 99  P P  . C   C 3 51  ? -7.254  73.557  86.917  1.00 0.00 ? 1452 C   B P  1 
ATOM 100 P P  . G   C 3 52  ? -5.821  68.010  90.457  1.00 0.00 ? 1453 G   B P  1 
ATOM 101 P P  . G   C 3 53  ? -5.944  64.229  89.795  1.00 0.00 ? 1454 G   B P  1 
ATOM 102 P P  . G   C 3 54  ? -7.462  60.837  84.323  1.00 0.00 ? 1455 G   B P  1 
ATOM 103 P P  . C   C 3 55  ? -7.526  59.012  78.946  1.00 0.00 ? 1459 C   B P  1 
ATOM 104 P P  . A   C 3 56  ? -4.698  57.030  74.185  1.00 0.00 ? 1460 A   B P  1 
ATOM 105 P P  . G   C 3 57  ? -0.379  54.638  71.511  1.00 0.00 ? 1461 G   B P  1 
ATOM 106 P P  . G   C 3 58  ? 3.742   50.887  73.712  1.00 0.00 ? 1462 G   B P  1 
ATOM 107 P P  . C   C 3 59  ? 5.605   46.745  76.847  1.00 0.00 ? 1463 C   B P  1 
ATOM 108 P P  . G   C 3 60  ? 4.384   42.035  80.250  1.00 0.00 ? 1464 G   B P  1 
ATOM 109 P P  . C   C 3 61  ? 0.358   37.814  82.130  1.00 0.00 ? 1465 C   B P  1 
ATOM 110 P P  . C   C 3 62  ? -3.818  34.233  81.988  1.00 0.00 ? 1466 C   B P  1 
ATOM 111 P P  . G   C 3 63  ? -8.939  34.496  78.282  1.00 0.00 ? 1467 G   B P  1 
ATOM 112 P P  . A   C 3 64  ? -10.010 34.581  72.865  1.00 0.00 ? 1468 A   B P  1 
ATOM 113 P P  . G   C 3 65  ? -10.472 31.916  67.534  1.00 0.00 ? 1469 G   B P  1 
ATOM 114 P P  . G   C 3 66  ? -8.178  30.543  63.122  1.00 0.00 ? 1470 G   B P  1 
ATOM 115 P P  . G   C 3 67  ? -3.567  27.926  61.819  1.00 0.00 ? 1471 G   B P  1 
ATOM 116 P P  . U   C 3 68  ? 1.431   24.451  62.290  1.00 0.00 ? 1472 U   B P  1 
ATOM 117 P P  . A   C 3 69  ? 4.568   20.206  64.418  1.00 0.00 ? 1473 A   B P  1 
ATOM 118 P P  . G   C 3 70  ? 4.532   15.389  67.329  1.00 0.00 ? 1474 G   B P  1 
ATOM 119 P P  . G   C 3 71  ? 1.493   10.796  69.886  1.00 0.00 ? 1475 G   B P  1 
ATOM 120 P P  . G   C 3 72  ? -5.084  7.029   72.294  1.00 0.00 ? 1476 G   B P  1 
ATOM 121 P P  . C   C 3 73  ? -10.137 4.948   70.189  1.00 0.00 ? 1477 C   B P  1 
ATOM 122 P P  . C   C 3 74  ? -14.476 5.245   66.432  1.00 0.00 ? 1478 C   B P  1 
ATOM 123 P P  . C   C 3 75  ? -17.579 5.824   60.311  1.00 0.00 ? 1479 C   B P  1 
ATOM 124 P P  . G   C 3 76  ? -17.090 6.051   54.153  1.00 0.00 ? 1480 G   B P  1 
ATOM 125 P P  . U   C 3 77  ? -14.000 5.022   49.038  1.00 0.00 ? 1481 U   B P  1 
ATOM 126 P P  . G   C 3 78  ? -9.605  2.611   46.050  1.00 0.00 ? 1482 G   B P  1 
ATOM 127 P P  . A   C 3 79  ? -3.793  -1.446  44.758  1.00 0.00 ? 1483 A   B P  1 
ATOM 128 P P  . C   C 3 80  ? -0.207  -6.085  44.097  1.00 0.00 ? 1484 C   B P  1 
ATOM 129 P P  . U   C 3 81  ? -0.644  -11.328 46.553  1.00 0.00 ? 1485 U   B P  1 
ATOM 130 P P  . G   C 3 82  ? -5.768  -14.900 48.023  1.00 0.00 ? 1486 G   B P  1 
ATOM 131 P P  . G   C 3 83  ? -11.421 -17.123 50.133  1.00 0.00 ? 1487 G   B P  1 
ATOM 132 P P  . G   C 3 84  ? -18.289 -17.177 49.317  1.00 0.00 ? 1488 G   B P  1 
ATOM 133 P P  . G   C 3 85  ? -22.840 -15.473 44.982  1.00 0.00 ? 1489 G   B P  1 
ATOM 134 P P  . C   C 3 86  ? -25.983 -14.134 40.171  1.00 0.00 ? 1490 C   B P  1 
ATOM 135 P P  . G   C 3 87  ? -25.153 -13.450 34.346  1.00 0.00 ? 1491 G   B P  1 
ATOM 136 P P  . A   C 3 88  ? -22.954 -17.268 30.003  1.00 0.00 ? 1492 A   B P  1 
ATOM 137 P P  . A   C 3 89  ? -23.348 -20.885 25.513  1.00 0.00 ? 1493 A   B P  1 
ATOM 138 P P  . G   C 3 90  ? -20.586 -25.887 28.118  1.00 0.00 ? 1494 G   B P  1 
ATOM 139 P P  . U   C 3 91  ? -16.729 -29.529 30.423  1.00 0.00 ? 1495 U   B P  1 
ATOM 140 P P  . C   C 3 92  ? -17.014 -33.537 33.910  1.00 0.00 ? 1496 C   B P  1 
ATOM 141 P P  . G   C 3 93  ? -17.992 -36.676 37.658  1.00 0.00 ? 1497 G   B P  1 
ATOM 142 P P  . U   C 3 94  ? -22.312 -39.407 40.487  1.00 0.00 ? 1498 U   B P  1 
ATOM 143 P P  . A   C 3 95  ? -27.699 -37.945 41.840  1.00 0.00 ? 1499 A   B P  1 
ATOM 144 P P  . A   C 3 96  ? -31.868 -36.748 46.297  1.00 0.00 ? 1500 A   B P  1 
ATOM 145 P P  . G   D 4 1   ? 3.122   -40.932 50.467  1.00 0.00 ? 1906 G   C P  1 
ATOM 146 P P  . G   D 4 2   ? 6.626   -39.217 46.120  1.00 0.00 ? 1907 G   C P  1 
ATOM 147 P P  . C   D 4 3   ? 7.694   -38.486 41.606  1.00 0.00 ? 1908 C   C P  1 
ATOM 148 P P  . C   D 4 4   ? 5.670   -38.689 36.545  1.00 0.00 ? 1909 C   C P  1 
ATOM 149 P P  . G   D 4 5   ? 2.021   -37.683 32.986  1.00 0.00 ? 1910 G   C P  1 
ATOM 150 P P  . U   D 4 6   ? -3.365  -36.135 30.327  1.00 0.00 ? 1911 U   C P  1 
ATOM 151 P P  . A   D 4 7   ? -7.829  -31.335 29.390  1.00 0.00 ? 1912 A   C P  1 
ATOM 152 P P  . A   D 4 8   ? -8.806  -26.354 27.036  1.00 0.00 ? 1913 A   C P  1 
ATOM 153 P P  . C   D 4 9   ? -6.510  -20.860 25.773  1.00 0.00 ? 1914 C   C P  1 
ATOM 154 P P  . U   D 4 10  ? -1.929  -21.484 28.740  1.00 0.00 ? 1915 U   C P  1 
ATOM 155 P P  . A   D 4 11  ? -0.015  -23.654 32.950  1.00 0.00 ? 1916 A   C P  1 
ATOM 156 P P  . U   D 4 12  ? -2.544  -26.168 36.532  1.00 0.00 ? 1917 U   C P  1 
ATOM 157 P P  . A   D 4 13  ? -4.448  -30.206 39.442  1.00 0.00 ? 1918 A   C P  1 
ATOM 158 P P  . A   D 4 14  ? -11.112 -32.125 41.700  1.00 0.00 ? 1919 A   C P  1 
ATOM 159 P P  . C   D 4 15  ? -12.194 -36.832 40.355  1.00 0.00 ? 1920 C   C P  1 
ATOM 160 P P  . G   D 4 16  ? -11.220 -41.287 39.007  1.00 0.00 ? 1921 G   C P  1 
ATOM 161 P P  . G   D 4 17  ? -9.613  -44.983 37.409  1.00 0.00 ? 1922 G   C P  1 
ATOM 162 P P  . U   D 4 18  ? -6.910  -48.523 37.952  1.00 0.00 ? 1923 U   C P  1 
ATOM 163 P P  . C   D 4 19  ? -2.532  -50.565 39.656  1.00 0.00 ? 1924 C   C P  1 
ATOM 164 P P  . A   E 5 1   ? 57.862  -34.478 58.386  1.00 0.00 ? 2448 A   D P  1 
ATOM 165 P P  . U   E 5 2   ? 51.670  -34.584 56.083  1.00 0.00 ? 2449 U   D P  1 
ATOM 166 P P  . A   E 5 3   ? 45.891  -35.013 55.994  1.00 0.00 ? 2450 A   D P  1 
ATOM 167 P P  . A   E 5 4   ? 44.211  -29.791 56.304  1.00 0.00 ? 2451 A   D P  1 
ATOM 168 P P  . C   E 5 5   ? 43.799  -25.486 54.926  1.00 0.00 ? 2452 C   D P  1 
ATOM 169 P P  . A   E 5 6   ? 45.770  -20.775 53.361  1.00 0.00 ? 2453 A   D P  1 
ATOM 170 P P  . G   E 5 7   ? 50.065  -19.071 50.084  1.00 0.00 ? 2454 G   D P  1 
ATOM 171 P P  . G   E 5 8   ? 56.940  -20.012 47.711  1.00 0.00 ? 2455 G   D P  1 
ATOM 172 P P  . C   E 5 9   ? 58.855  -23.118 42.159  1.00 0.00 ? 2456 C   D P  1 
ATOM 173 P P  . U   E 5 10  ? 57.000  -25.623 37.858  1.00 0.00 ? 2457 U   D P  1 
ATOM 174 P P  . G   E 5 11  ? 51.164  -24.408 36.526  1.00 0.00 ? 2458 G   D P  1 
ATOM 175 P P  . A   E 5 12  ? 48.244  -27.635 33.666  1.00 0.00 ? 2459 A   D P  1 
ATOM 176 P P  . U   E 5 13  ? 43.946  -26.998 31.472  1.00 0.00 ? 2460 U   D P  1 
ATOM 177 P P  . C   E 5 14  ? 39.051  -22.577 33.000  1.00 0.00 ? 2461 C   D P  1 
ATOM 178 P P  . U   E 5 15  ? 38.678  -16.882 33.914  1.00 0.00 ? 2462 U   D P  1 
ATOM 179 P P  . C   E 5 16  ? 40.461  -11.757 31.422  1.00 0.00 ? 2463 C   D P  1 
ATOM 180 P P  . C   E 5 17  ? 43.519  -8.523  27.348  1.00 0.00 ? 2464 C   D P  1 
ATOM 181 P P  . C   E 5 18  ? 48.218  -9.973  22.577  1.00 0.00 ? 2465 C   D P  1 
ATOM 182 P P  . C   E 5 19  ? 50.169  -12.115 17.009  1.00 0.00 ? 2466 C   D P  1 
ATOM 183 P P  . C   E 5 20  ? 49.001  -14.514 11.235  1.00 0.00 ? 2467 C   D P  1 
ATOM 184 P P  . G   E 5 21  ? 46.256  -15.515 6.670   1.00 0.00 ? 2468 G   D P  1 
ATOM 185 P P  . A   E 5 22  ? 40.472  -15.799 6.095   1.00 0.00 ? 2469 A   D P  1 
ATOM 186 P P  . G   E 5 23  ? 34.529  -18.839 5.052   1.00 0.00 ? 2470 G   D P  1 
ATOM 187 P P  . C   E 5 24  ? 29.602  -14.448 5.721   1.00 0.00 ? 2471 C   D P  1 
ATOM 188 P P  . G   E 5 25  ? 26.519  -8.301  8.252   1.00 0.00 ? 2472 G   D P  1 
ATOM 189 P P  . U   E 5 26  ? 25.582  -3.466  4.946   1.00 0.00 ? 2473 U   D P  1 
ATOM 190 P P  . C   E 5 27  ? 27.489  -6.947  1.926   1.00 0.00 ? 2474 C   D P  1 
ATOM 191 P P  . C   E 5 28  ? 32.708  -5.448  -0.566  1.00 0.00 ? 2475 C   D P  1 
ATOM 192 P P  . A   E 5 29  ? 37.354  -8.226  1.273   1.00 0.00 ? 2476 A   D P  1 
ATOM 193 P P  . C   E 5 30  ? 38.937  -6.438  5.965   1.00 0.00 ? 2477 C   D P  1 
ATOM 194 P P  . A   E 5 31  ? 39.856  -2.442  10.472  1.00 0.00 ? 2478 A   D P  1 
ATOM 195 P P  . G   E 5 32  ? 38.079  -1.068  14.919  1.00 0.00 ? 2479 G   D P  1 
ATOM 196 P P  . C   E 5 33  ? 35.364  -4.590  18.536  1.00 0.00 ? 2480 C   D P  1 
ATOM 197 P P  . G   E 5 34  ? 35.245  -9.931  18.199  1.00 0.00 ? 2481 G   D P  1 
ATOM 198 P P  . G   E 5 35  ? 37.023  -15.345 17.393  1.00 0.00 ? 2482 G   D P  1 
ATOM 199 P P  . C   E 5 36  ? 35.213  -20.087 15.403  1.00 0.00 ? 2483 C   D P  1 
ATOM 200 P P  . G   E 5 37  ? 37.914  -25.925 17.313  1.00 0.00 ? 2484 G   D P  1 
ATOM 201 P P  . G   E 5 38  ? 44.084  -27.799 19.251  1.00 0.00 ? 2485 G   D P  1 
ATOM 202 P P  . G   E 5 39  ? 50.846  -25.538 20.713  1.00 0.00 ? 2486 G   D P  1 
ATOM 203 P P  . G   E 5 40  ? 54.949  -22.626 23.956  1.00 0.00 ? 2487 G   D P  1 
ATOM 204 P P  . A   E 5 41  ? 55.970  -18.350 28.949  1.00 0.00 ? 2488 A   D P  1 
ATOM 205 P P  . G   E 5 42  ? 55.033  -14.428 33.275  1.00 0.00 ? 2489 G   D P  1 
ATOM 206 P P  . G   E 5 43  ? 53.972  -13.414 39.019  1.00 0.00 ? 2490 G   D P  1 
ATOM 207 P P  . U   E 5 44  ? 50.568  -14.376 43.800  1.00 0.00 ? 2491 U   D P  1 
ATOM 208 P P  . U   E 5 45  ? 45.761  -15.828 44.391  1.00 0.00 ? 2492 U   D P  1 
ATOM 209 P P  . U   E 5 46  ? 41.380  -19.300 44.891  1.00 0.00 ? 2493 U   D P  1 
ATOM 210 P P  . G   E 5 47  ? 39.845  -24.289 45.142  1.00 0.00 ? 2494 G   D P  1 
ATOM 211 P P  . G   E 5 48  ? 42.409  -30.523 43.913  1.00 0.00 ? 2495 G   D P  1 
ATOM 212 P P  . C   E 5 49  ? 46.511  -34.762 44.767  1.00 0.00 ? 2496 C   D P  1 
ATOM 213 P P  . A   E 5 50  ? 51.254  -35.570 47.350  1.00 0.00 ? 2497 A   D P  1 
ATOM 214 P P  . C   E 5 51  ? 56.629  -33.932 51.534  1.00 0.00 ? 2498 C   D P  1 
ATOM 215 P P  . C   E 5 52  ? 59.394  -30.959 53.875  1.00 0.00 ? 2499 C   D P  1 
ATOM 216 P P  . U   E 5 53  ? 60.685  -29.438 58.320  1.00 0.00 ? 2500 U   D P  1 
ATOM 217 P P  . C   E 5 54  ? 58.053  -27.005 62.128  1.00 0.00 ? 2501 C   D P  1 
ATOM 218 P P  . G   E 5 55  ? 56.848  -26.175 67.566  1.00 0.00 ? 2502 G   D P  1 
ATOM 219 P P  . A   E 5 56  ? 55.473  -20.985 66.144  1.00 0.00 ? 2503 A   D P  1 
ATOM 220 P P  . U   E 5 57  ? 51.694  -19.740 64.278  1.00 0.00 ? 2504 U   D P  1 
ATOM 221 P P  . G   E 5 58  ? 47.039  -17.519 61.922  1.00 0.00 ? 2505 G   D P  1 
ATOM 222 P P  . U   E 5 59  ? 42.697  -16.300 59.034  1.00 0.00 ? 2506 U   D P  1 
ATOM 223 P P  . G   F 6 1   ? 29.833  -15.188 64.464  1.00 0.00 ? 2583 G   E P  1 
ATOM 224 P P  . U   F 6 2   ? 30.403  -19.454 61.949  1.00 0.00 ? 2584 U   E P  1 
ATOM 225 P P  . U   F 6 3   ? 33.187  -23.051 63.120  1.00 0.00 ? 2585 U   E P  1 
ATOM 226 P P  . C   F 6 4   ? 33.232  -23.178 68.602  1.00 0.00 ? 2586 C   E P  1 
ATOM 227 P P  . A   F 6 5   ? 33.074  -26.662 73.112  1.00 0.00 ? 2587 A   E P  1 
ATOM 228 P P  . G   F 6 6   ? 28.154  -28.863 76.109  1.00 0.00 ? 2588 G   E P  1 
ATOM 229 P P  . A   F 6 7   ? 22.421  -29.460 77.499  1.00 0.00 ? 2589 A   E P  1 
ATOM 230 P P  . A   F 6 8   ? 16.984  -29.069 75.023  1.00 0.00 ? 2590 A   E P  1 
ATOM 231 P P  . C   F 6 9   ? 15.431  -26.851 68.912  1.00 0.00 ? 2591 C   E P  1 
ATOM 232 P P  . G   F 6 10  ? 12.977  -28.551 63.926  1.00 0.00 ? 2592 G   E P  1 
ATOM 233 P P  . U   F 6 11  ? 14.559  -33.035 58.920  1.00 0.00 ? 2593 U   E P  1 
ATOM 234 P P  . C   F 6 12  ? 16.102  -38.439 58.755  1.00 0.00 ? 2594 C   E P  1 
ATOM 235 P P  . G   F 6 13  ? 17.666  -43.436 60.281  1.00 0.00 ? 2595 G   E P  1 
ATOM 236 P P  . U   F 6 14  ? 18.138  -46.962 63.992  1.00 0.00 ? 2596 U   E P  1 
ATOM 237 P P  . G   F 6 15  ? 17.452  -44.399 68.788  1.00 0.00 ? 2597 G   E P  1 
ATOM 238 P P  . A   F 6 16  ? 20.981  -41.487 73.014  1.00 0.00 ? 2598 A   E P  1 
ATOM 239 P P  . G   F 6 17  ? 26.520  -38.323 74.301  1.00 0.00 ? 2599 G   E P  1 
ATOM 240 P P  . A   F 6 18  ? 28.459  -36.521 69.350  1.00 0.00 ? 2600 A   E P  1 
ATOM 241 P P  . C   F 6 19  ? 28.672  -33.952 63.612  1.00 0.00 ? 2601 C   E P  1 
ATOM 242 P P  . A   F 6 20  ? 29.433  -29.321 59.665  1.00 0.00 ? 2602 A   E P  1 
ATOM 243 P P  . G   F 6 21  ? 26.294  -28.140 55.085  1.00 0.00 ? 2603 G   E P  1 
ATOM 244 P P  . U   F 6 22  ? 23.324  -23.110 57.790  1.00 0.00 ? 2604 U   E P  1 
ATOM 245 P P  . U   F 6 23  ? 20.547  -19.124 62.011  1.00 0.00 ? 2605 U   E P  1 
ATOM 246 P P  . C   F 6 24  ? 21.423  -15.410 66.926  1.00 0.00 ? 2606 C   E P  1 
ATOM 247 P P  . G   F 6 25  ? 23.585  -14.314 71.149  1.00 0.00 ? 2607 G   E P  1 
ATOM 248 P P  . G   F 6 26  ? 28.637  -14.897 75.125  1.00 0.00 ? 2608 G   E P  1 
ATOM 249 P P  . U   F 6 27  ? 32.775  -13.550 74.815  1.00 0.00 ? 2609 U   E P  1 
ATOM 250 C CA . PRO G 7 5   ? -50.669 -2.369  64.027  1.00 0.00 ? 5    PRO O CA 1 
ATOM 251 C CA . THR G 7 6   ? -52.905 -0.941  66.759  1.00 0.00 ? 6    THR O CA 1 
ATOM 252 C CA . ILE G 7 7   ? -53.727 2.759   66.779  1.00 0.00 ? 7    ILE O CA 1 
ATOM 253 C CA . ASN G 7 8   ? -51.715 3.164   69.953  1.00 0.00 ? 8    ASN O CA 1 
ATOM 254 C CA . GLN G 7 9   ? -48.866 1.337   68.231  1.00 0.00 ? 9    GLN O CA 1 
ATOM 255 C CA . LEU G 7 10  ? -49.084 3.671   65.258  1.00 0.00 ? 10   LEU O CA 1 
ATOM 256 C CA . VAL G 7 11  ? -48.883 6.504   67.727  1.00 0.00 ? 11   VAL O CA 1 
ATOM 257 C CA . ARG G 7 12  ? -45.763 5.023   69.267  1.00 0.00 ? 12   ARG O CA 1 
ATOM 258 C CA . LYS G 7 13  ? -43.739 3.802   66.310  1.00 0.00 ? 13   LYS O CA 1 
ATOM 259 C CA . GLY G 7 14  ? -45.685 5.195   63.371  1.00 0.00 ? 14   GLY O CA 1 
ATOM 260 C CA . ARG G 7 15  ? -45.264 4.508   59.660  1.00 0.00 ? 15   ARG O CA 1 
ATOM 261 C CA . GLU G 7 16  ? -41.816 4.716   58.068  1.00 0.00 ? 16   GLU O CA 1 
ATOM 262 C CA . LYS G 7 17  ? -41.665 6.627   54.777  1.00 0.00 ? 17   LYS O CA 1 
ATOM 263 C CA . VAL G 7 18  ? -40.098 4.918   51.760  1.00 0.00 ? 18   VAL O CA 1 
ATOM 264 C CA . ARG G 7 19  ? -36.711 6.110   50.431  1.00 0.00 ? 19   ARG O CA 1 
ATOM 265 C CA . LYS G 7 20  ? -36.133 5.843   46.675  1.00 0.00 ? 20   LYS O CA 1 
ATOM 266 C CA . LYS G 7 21  ? -32.521 5.187   45.599  1.00 0.00 ? 21   LYS O CA 1 
ATOM 267 C CA . SER G 7 22  ? -31.118 6.878   42.504  1.00 0.00 ? 22   SER O CA 1 
ATOM 268 C CA . LYS G 7 23  ? -30.288 4.806   39.470  1.00 0.00 ? 23   LYS O CA 1 
ATOM 269 C CA . VAL G 7 24  ? -27.978 7.397   37.994  1.00 0.00 ? 24   VAL O CA 1 
ATOM 270 C CA . PRO G 7 25  ? -25.217 8.804   40.181  1.00 0.00 ? 25   PRO O CA 1 
ATOM 271 C CA . ALA G 7 26  ? -24.461 11.347  37.434  1.00 0.00 ? 26   ALA O CA 1 
ATOM 272 C CA . LEU G 7 27  ? -23.717 13.048  40.757  1.00 0.00 ? 27   LEU O CA 1 
ATOM 273 C CA . LYS G 7 28  ? -24.978 16.557  41.396  1.00 0.00 ? 28   LYS O CA 1 
ATOM 274 C CA . GLY G 7 29  ? -28.220 14.822  40.473  1.00 0.00 ? 29   GLY O CA 1 
ATOM 275 C CA . ALA G 7 30  ? -27.501 16.686  37.249  1.00 0.00 ? 30   ALA O CA 1 
ATOM 276 C CA . PRO G 7 31  ? -29.366 16.221  33.943  1.00 0.00 ? 31   PRO O CA 1 
ATOM 277 C CA . PHE G 7 32  ? -26.124 15.528  32.098  1.00 0.00 ? 32   PHE O CA 1 
ATOM 278 C CA . ARG G 7 33  ? -22.455 15.167  32.834  1.00 0.00 ? 33   ARG O CA 1 
ATOM 279 C CA . ARG G 7 34  ? -19.467 15.436  30.516  1.00 0.00 ? 34   ARG O CA 1 
ATOM 280 C CA . GLY G 7 35  ? -16.538 13.059  30.693  1.00 0.00 ? 35   GLY O CA 1 
ATOM 281 C CA . VAL G 7 36  ? -13.524 11.899  28.749  1.00 0.00 ? 36   VAL O CA 1 
ATOM 282 C CA . CYS G 7 37  ? -13.352 8.632   26.856  1.00 0.00 ? 37   CYS O CA 1 
ATOM 283 C CA . THR G 7 38  ? -10.822 6.094   28.091  1.00 0.00 ? 38   THR O CA 1 
ATOM 284 C CA . VAL G 7 39  ? -11.643 2.931   26.209  1.00 0.00 ? 39   VAL O CA 1 
ATOM 285 C CA . VAL G 7 40  ? -13.889 2.536   23.198  1.00 0.00 ? 40   VAL O CA 1 
ATOM 286 C CA . ARG G 7 41  ? -14.440 -1.213  23.663  1.00 0.00 ? 41   ARG O CA 1 
ATOM 287 C CA . THR G 7 42  ? -17.306 -3.394  22.413  1.00 0.00 ? 42   THR O CA 1 
ATOM 288 C CA . VAL G 7 43  ? -19.208 -5.632  24.797  1.00 0.00 ? 43   VAL O CA 1 
ATOM 289 C CA . THR G 7 44  ? -21.425 -8.599  24.021  1.00 0.00 ? 44   THR O CA 1 
ATOM 290 C CA . PRO G 7 45  ? -25.142 -8.908  25.010  1.00 0.00 ? 45   PRO O CA 1 
ATOM 291 C CA . LYS G 7 46  ? -26.684 -11.034 27.769  1.00 0.00 ? 46   LYS O CA 1 
ATOM 292 C CA . LYS G 7 47  ? -29.155 -13.925 28.232  1.00 0.00 ? 47   LYS O CA 1 
ATOM 293 C CA . PRO G 7 48  ? -30.482 -14.249 24.655  1.00 0.00 ? 48   PRO O CA 1 
ATOM 294 C CA . ASN G 7 49  ? -29.364 -11.306 22.555  1.00 0.00 ? 49   ASN O CA 1 
ATOM 295 C CA . SER G 7 50  ? -26.110 -11.354 20.610  1.00 0.00 ? 50   SER O CA 1 
ATOM 296 C CA . ALA G 7 51  ? -24.147 -8.590  18.826  1.00 0.00 ? 51   ALA O CA 1 
ATOM 297 C CA . LEU G 7 52  ? -21.286 -6.138  19.306  1.00 0.00 ? 52   LEU O CA 1 
ATOM 298 C CA . ARG G 7 53  ? -22.612 -3.319  21.453  1.00 0.00 ? 53   ARG O CA 1 
ATOM 299 C CA . LYS G 7 54  ? -20.390 -0.238  21.161  1.00 0.00 ? 54   LYS O CA 1 
ATOM 300 C CA . VAL G 7 55  ? -19.486 1.067   24.604  1.00 0.00 ? 55   VAL O CA 1 
ATOM 301 C CA . ALA G 7 56  ? -17.074 3.546   26.221  1.00 0.00 ? 56   ALA O CA 1 
ATOM 302 C CA . LYS G 7 57  ? -15.396 3.987   29.616  1.00 0.00 ? 57   LYS O CA 1 
ATOM 303 C CA . VAL G 7 58  ? -15.773 7.622   30.649  1.00 0.00 ? 58   VAL O CA 1 
ATOM 304 C CA . ARG G 7 59  ? -14.004 9.735   33.259  1.00 0.00 ? 59   ARG O CA 1 
ATOM 305 C CA . LEU G 7 60  ? -16.693 12.141  34.492  1.00 0.00 ? 60   LEU O CA 1 
ATOM 306 C CA . THR G 7 61  ? -16.232 15.658  35.817  1.00 0.00 ? 61   THR O CA 1 
ATOM 307 C CA . SER G 7 62  ? -18.275 14.314  38.709  1.00 0.00 ? 62   SER O CA 1 
ATOM 308 C CA . GLY G 7 63  ? -15.283 12.241  39.753  1.00 0.00 ? 63   GLY O CA 1 
ATOM 309 C CA . TYR G 7 64  ? -16.903 8.975   38.625  1.00 0.00 ? 64   TYR O CA 1 
ATOM 310 C CA . GLU G 7 65  ? -15.493 6.586   36.002  1.00 0.00 ? 65   GLU O CA 1 
ATOM 311 C CA . VAL G 7 66  ? -18.362 4.937   34.116  1.00 0.00 ? 66   VAL O CA 1 
ATOM 312 C CA . THR G 7 67  ? -19.359 2.847   31.086  1.00 0.00 ? 67   THR O CA 1 
ATOM 313 C CA . ALA G 7 68  ? -21.779 4.379   28.583  1.00 0.00 ? 68   ALA O CA 1 
ATOM 314 C CA . TYR G 7 69  ? -23.699 3.154   25.552  1.00 0.00 ? 69   TYR O CA 1 
ATOM 315 C CA . ILE G 7 70  ? -23.061 4.788   22.169  1.00 0.00 ? 70   ILE O CA 1 
ATOM 316 C CA . PRO G 7 71  ? -26.384 4.802   20.244  1.00 0.00 ? 71   PRO O CA 1 
ATOM 317 C CA . GLY G 7 72  ? -26.498 4.961   16.475  1.00 0.00 ? 72   GLY O CA 1 
ATOM 318 C CA . GLU G 7 73  ? -25.563 3.022   13.342  1.00 0.00 ? 73   GLU O CA 1 
ATOM 319 C CA . GLY G 7 74  ? -21.922 4.115   13.511  1.00 0.00 ? 74   GLY O CA 1 
ATOM 320 C CA . HIS G 7 75  ? -19.761 6.358   15.726  1.00 0.00 ? 75   HIS O CA 1 
ATOM 321 C CA . ASN G 7 76  ? -16.458 8.280   15.735  1.00 0.00 ? 76   ASN O CA 1 
ATOM 322 C CA . LEU G 7 77  ? -15.426 8.094   19.403  1.00 0.00 ? 77   LEU O CA 1 
ATOM 323 C CA . GLN G 7 78  ? -11.756 7.625   20.304  1.00 0.00 ? 78   GLN O CA 1 
ATOM 324 C CA . GLU G 7 79  ? -9.358  7.247   23.204  1.00 0.00 ? 79   GLU O CA 1 
ATOM 325 C CA . HIS G 7 80  ? -9.541  10.810  24.546  1.00 0.00 ? 80   HIS O CA 1 
ATOM 326 C CA . SER G 7 81  ? -12.730 12.224  23.092  1.00 0.00 ? 81   SER O CA 1 
ATOM 327 C CA . VAL G 7 82  ? -14.817 14.565  25.229  1.00 0.00 ? 82   VAL O CA 1 
ATOM 328 C CA . VAL G 7 83  ? -18.399 13.376  25.561  1.00 0.00 ? 83   VAL O CA 1 
ATOM 329 C CA . LEU G 7 84  ? -21.757 14.071  27.255  1.00 0.00 ? 84   LEU O CA 1 
ATOM 330 C CA . ILE G 7 85  ? -23.608 11.436  29.324  1.00 0.00 ? 85   ILE O CA 1 
ATOM 331 C CA . ARG G 7 86  ? -27.391 11.405  29.627  1.00 0.00 ? 86   ARG O CA 1 
ATOM 332 C CA . GLY G 7 87  ? -28.388 8.544   31.867  1.00 0.00 ? 87   GLY O CA 1 
ATOM 333 C CA . GLY G 7 88  ? -30.381 5.567   30.699  1.00 0.00 ? 88   GLY O CA 1 
ATOM 334 C CA . ARG G 7 89  ? -29.313 1.984   31.147  1.00 0.00 ? 89   ARG O CA 1 
ATOM 335 C CA . VAL G 7 90  ? -29.144 -0.731  28.460  1.00 0.00 ? 90   VAL O CA 1 
ATOM 336 C CA . LYS G 7 91  ? -31.045 -3.910  29.338  1.00 0.00 ? 91   LYS O CA 1 
ATOM 337 C CA . ASP G 7 92  ? -28.485 -6.201  27.634  1.00 0.00 ? 92   ASP O CA 1 
ATOM 338 C CA . LEU G 7 93  ? -25.242 -4.714  28.838  1.00 0.00 ? 93   LEU O CA 1 
ATOM 339 C CA . PRO G 7 94  ? -24.841 -5.301  32.550  1.00 0.00 ? 94   PRO O CA 1 
ATOM 340 C CA . GLY G 7 95  ? -22.879 -2.361  33.877  1.00 0.00 ? 95   GLY O CA 1 
ATOM 341 C CA . VAL G 7 96  ? -23.915 0.321   31.429  1.00 0.00 ? 96   VAL O CA 1 
ATOM 342 C CA . ARG G 7 97  ? -26.089 2.933   33.106  1.00 0.00 ? 97   ARG O CA 1 
ATOM 343 C CA . TYR G 7 98  ? -25.913 5.919   30.794  1.00 0.00 ? 98   TYR O CA 1 
ATOM 344 C CA . HIS G 7 99  ? -26.134 6.663   27.088  1.00 0.00 ? 99   HIS O CA 1 
ATOM 345 C CA . ILE G 7 100 ? -23.811 9.014   25.251  1.00 0.00 ? 100  ILE O CA 1 
ATOM 346 C CA . VAL G 7 101 ? -25.385 12.106  23.765  1.00 0.00 ? 101  VAL O CA 1 
ATOM 347 C CA . ARG G 7 102 ? -24.705 12.098  20.065  1.00 0.00 ? 102  ARG O CA 1 
ATOM 348 C CA . GLY G 7 103 ? -24.158 15.497  18.519  1.00 0.00 ? 103  GLY O CA 1 
ATOM 349 C CA . VAL G 7 104 ? -22.422 17.038  21.510  1.00 0.00 ? 104  VAL O CA 1 
ATOM 350 C CA . TYR G 7 105 ? -18.702 17.713  22.003  1.00 0.00 ? 105  TYR O CA 1 
ATOM 351 C CA . ASP G 7 106 ? -16.596 15.035  20.268  1.00 0.00 ? 106  ASP O CA 1 
ATOM 352 C CA . ALA G 7 107 ? -19.326 12.494  19.601  1.00 0.00 ? 107  ALA O CA 1 
ATOM 353 C CA . ALA G 7 108 ? -20.469 13.282  16.086  1.00 0.00 ? 108  ALA O CA 1 
ATOM 354 C CA . GLY G 7 109 ? -24.064 12.657  15.110  1.00 0.00 ? 109  GLY O CA 1 
ATOM 355 C CA . VAL G 7 110 ? -25.175 9.657   13.094  1.00 0.00 ? 110  VAL O CA 1 
ATOM 356 C CA . LYS G 7 111 ? -24.587 10.009  9.360   1.00 0.00 ? 111  LYS O CA 1 
ATOM 357 C CA . ASP G 7 112 ? -27.542 9.322   7.061   1.00 0.00 ? 112  ASP O CA 1 
ATOM 358 C CA . ARG G 7 113 ? -30.094 9.504   9.860   1.00 0.00 ? 113  ARG O CA 1 
ATOM 359 C CA . LYS G 7 114 ? -33.340 10.452  8.158   1.00 0.00 ? 114  LYS O CA 1 
ATOM 360 C CA . LYS G 7 115 ? -35.770 9.749   10.997  1.00 0.00 ? 115  LYS O CA 1 
ATOM 361 C CA . SER G 7 116 ? -35.539 10.089  14.763  1.00 0.00 ? 116  SER O CA 1 
ATOM 362 C CA . ARG G 7 117 ? -32.741 12.646  14.295  1.00 0.00 ? 117  ARG O CA 1 
ATOM 363 C CA . SER G 7 118 ? -33.652 14.577  17.469  1.00 0.00 ? 118  SER O CA 1 
ATOM 364 C CA . LYS G 7 119 ? -31.849 11.655  19.095  1.00 0.00 ? 119  LYS O CA 1 
ATOM 365 C CA . TYR G 7 120 ? -28.597 10.775  17.270  1.00 0.00 ? 120  TYR O CA 1 
ATOM 366 C CA . GLY G 7 121 ? -28.095 14.539  16.984  1.00 0.00 ? 121  GLY O CA 1 
ATOM 367 C CA . THR G 7 122 ? -28.163 14.913  13.181  1.00 0.00 ? 122  THR O CA 1 
ATOM 368 C CA . LYS G 7 123 ? -29.088 18.215  11.500  1.00 0.00 ? 123  LYS O CA 1 
ATOM 369 C CA . LYS G 7 124 ? -31.935 18.534  9.008   1.00 0.00 ? 124  LYS O CA 1 
ATOM 370 C CA . PRO G 7 125 ? -30.906 17.117  5.624   1.00 0.00 ? 125  PRO O CA 1 
ATOM 371 C CA . LYS G 7 126 ? -31.497 19.662  2.853   1.00 0.00 ? 126  LYS O CA 1 
ATOM 372 C CA . GLU G 7 127 ? -33.765 17.884  0.377   1.00 0.00 ? 127  GLU O CA 1 
ATOM 373 C CA . ALA G 7 128 ? -32.514 18.669  -3.129  1.00 0.00 ? 128  ALA O CA 1 
ATOM 374 C CA . GLN H 8 7   ? 30.246  10.038  -23.956 1.00 0.00 ? 8    GLN L CA 1 
ATOM 375 C CA . ILE H 8 8   ? 27.830  7.447   -22.558 1.00 0.00 ? 9    ILE L CA 1 
ATOM 376 C CA . LYS H 8 9   ? 27.172  3.853   -23.613 1.00 0.00 ? 10   LYS L CA 1 
ATOM 377 C CA . LEU H 8 10  ? 24.329  1.431   -22.949 1.00 0.00 ? 11   LEU L CA 1 
ATOM 378 C CA . GLN H 8 11  ? 22.484  -1.577  -24.359 1.00 0.00 ? 12   GLN L CA 1 
ATOM 379 C CA . LEU H 8 12  ? 18.955  -0.609  -25.400 1.00 0.00 ? 13   LEU L CA 1 
ATOM 380 C CA . PRO H 8 13  ? 16.446  -3.069  -26.933 1.00 0.00 ? 14   PRO L CA 1 
ATOM 381 C CA . ALA H 8 14  ? 15.605  -2.749  -30.636 1.00 0.00 ? 15   ALA L CA 1 
ATOM 382 C CA . GLY H 8 15  ? 12.379  -0.781  -31.033 1.00 0.00 ? 16   GLY L CA 1 
ATOM 383 C CA . LYS H 8 16  ? 11.940  0.721   -27.562 1.00 0.00 ? 17   LYS L CA 1 
ATOM 384 C CA . ALA H 8 17  ? 13.228  3.648   -25.467 1.00 0.00 ? 18   ALA L CA 1 
ATOM 385 C CA . THR H 8 18  ? 12.269  6.521   -23.115 1.00 0.00 ? 19   THR L CA 1 
ATOM 386 C CA . PRO H 8 19  ? 11.716  4.700   -19.795 1.00 0.00 ? 20   PRO L CA 1 
ATOM 387 C CA . ALA H 8 20  ? 13.105  6.431   -16.711 1.00 0.00 ? 21   ALA L CA 1 
ATOM 388 C CA . PRO H 8 21  ? 14.682  3.402   -14.993 1.00 0.00 ? 22   PRO L CA 1 
ATOM 389 C CA . PRO H 8 22  ? 16.324  1.948   -18.170 1.00 0.00 ? 23   PRO L CA 1 
ATOM 390 C CA . VAL H 8 23  ? 17.295  5.072   -20.165 1.00 0.00 ? 24   VAL L CA 1 
ATOM 391 C CA . GLY H 8 24  ? 16.247  8.490   -18.850 1.00 0.00 ? 25   GLY L CA 1 
ATOM 392 C CA . PRO H 8 25  ? 18.262  9.043   -15.616 1.00 0.00 ? 26   PRO L CA 1 
ATOM 393 C CA . ALA H 8 26  ? 21.368  7.449   -17.158 1.00 0.00 ? 27   ALA L CA 1 
ATOM 394 C CA . LEU H 8 27  ? 22.414  9.802   -19.961 1.00 0.00 ? 28   LEU L CA 1 
ATOM 395 C CA . GLY H 8 28  ? 19.603  12.139  -18.973 1.00 0.00 ? 29   GLY L CA 1 
ATOM 396 C CA . GLN H 8 29  ? 22.010  13.337  -16.289 1.00 0.00 ? 30   GLN L CA 1 
ATOM 397 C CA . HIS H 8 30  ? 24.855  14.088  -18.708 1.00 0.00 ? 31   HIS L CA 1 
ATOM 398 C CA . GLY H 8 31  ? 22.889  16.635  -20.723 1.00 0.00 ? 32   GLY L CA 1 
ATOM 399 C CA . VAL H 8 32  ? 21.166  14.425  -23.289 1.00 0.00 ? 33   VAL L CA 1 
ATOM 400 C CA . ASN H 8 33  ? 17.555  15.147  -24.282 1.00 0.00 ? 34   ASN L CA 1 
ATOM 401 C CA . ILE H 8 34  ? 15.845  11.751  -23.936 1.00 0.00 ? 35   ILE L CA 1 
ATOM 402 C CA . MET H 8 35  ? 12.885  12.271  -26.328 1.00 0.00 ? 36   MET L CA 1 
ATOM 403 C CA . GLU H 8 36  ? 15.189  13.030  -29.276 1.00 0.00 ? 37   GLU L CA 1 
ATOM 404 C CA . PHE H 8 37  ? 17.227  9.860   -28.668 1.00 0.00 ? 38   PHE L CA 1 
ATOM 405 C CA . CYS H 8 38  ? 14.252  7.535   -28.066 1.00 0.00 ? 39   CYS L CA 1 
ATOM 406 C CA . LYS H 8 39  ? 12.662  8.342   -31.426 1.00 0.00 ? 40   LYS L CA 1 
ATOM 407 C CA . ARG H 8 40  ? 16.076  8.592   -33.114 1.00 0.00 ? 41   ARG L CA 1 
ATOM 408 C CA . PHE H 8 41  ? 17.416  5.332   -31.671 1.00 0.00 ? 42   PHE L CA 1 
ATOM 409 C CA . ASN H 8 42  ? 14.165  3.483   -32.321 1.00 0.00 ? 43   ASN L CA 1 
ATOM 410 C CA . ALA H 8 43  ? 14.344  4.863   -35.855 1.00 0.00 ? 44   ALA L CA 1 
ATOM 411 C CA . GLU H 8 44  ? 17.272  2.900   -37.302 1.00 0.00 ? 45   GLU L CA 1 
ATOM 412 C CA . THR H 8 45  ? 16.869  0.142   -34.716 1.00 0.00 ? 46   THR L CA 1 
ATOM 413 C CA . ALA H 8 46  ? 13.876  -0.770  -36.887 1.00 0.00 ? 47   ALA L CA 1 
ATOM 414 C CA . ASP H 8 47  ? 15.986  -2.607  -39.468 1.00 0.00 ? 48   ASP L CA 1 
ATOM 415 C CA . LYS H 8 48  ? 17.022  -4.896  -36.599 1.00 0.00 ? 49   LYS L CA 1 
ATOM 416 C CA . ALA H 8 49  ? 14.143  -5.331  -34.141 1.00 0.00 ? 50   ALA L CA 1 
ATOM 417 C CA . GLY H 8 50  ? 13.641  -7.709  -31.232 1.00 0.00 ? 51   GLY L CA 1 
ATOM 418 C CA . MET H 8 51  ? 17.335  -7.865  -30.379 1.00 0.00 ? 52   MET L CA 1 
ATOM 419 C CA . ILE H 8 52  ? 19.194  -5.973  -27.666 1.00 0.00 ? 53   ILE L CA 1 
ATOM 420 C CA . LEU H 8 53  ? 21.732  -3.713  -29.370 1.00 0.00 ? 54   LEU L CA 1 
ATOM 421 C CA . PRO H 8 54  ? 24.451  -1.604  -27.658 1.00 0.00 ? 55   PRO L CA 1 
ATOM 422 C CA . VAL H 8 55  ? 24.719  2.046   -28.696 1.00 0.00 ? 56   VAL L CA 1 
ATOM 423 C CA . VAL H 8 56  ? 27.451  4.557   -27.874 1.00 0.00 ? 57   VAL L CA 1 
ATOM 424 C CA . ILE H 8 57  ? 25.925  7.978   -27.278 1.00 0.00 ? 58   ILE L CA 1 
ATOM 425 C CA . THR H 8 58  ? 28.224  11.004  -27.497 1.00 0.00 ? 59   THR L CA 1 
ATOM 426 C CA . VAL H 8 59  ? 27.178  14.366  -26.033 1.00 0.00 ? 60   VAL L CA 1 
ATOM 427 C CA . TYR H 8 60  ? 28.864  17.594  -27.167 1.00 0.00 ? 61   TYR L CA 1 
ATOM 428 C CA . GLU H 8 61  ? 29.331  20.614  -24.887 1.00 0.00 ? 62   GLU L CA 1 
ATOM 429 C CA . ASP H 8 62  ? 26.120  22.048  -26.375 1.00 0.00 ? 63   ASP L CA 1 
ATOM 430 C CA . LYS H 8 63  ? 24.051  19.117  -25.013 1.00 0.00 ? 64   LYS L CA 1 
ATOM 431 C CA . SER H 8 64  ? 23.557  17.887  -28.591 1.00 0.00 ? 65   SER L CA 1 
ATOM 432 C CA . PHE H 8 65  ? 24.505  14.304  -29.429 1.00 0.00 ? 66   PHE L CA 1 
ATOM 433 C CA . THR H 8 66  ? 25.141  11.470  -31.888 1.00 0.00 ? 67   THR L CA 1 
ATOM 434 C CA . PHE H 8 67  ? 25.414  7.730   -31.362 1.00 0.00 ? 68   PHE L CA 1 
ATOM 435 C CA . ILE H 8 68  ? 26.755  4.658   -33.099 1.00 0.00 ? 69   ILE L CA 1 
ATOM 436 C CA . ILE H 8 69  ? 24.721  1.453   -33.091 1.00 0.00 ? 70   ILE L CA 1 
ATOM 437 C CA . LYS H 8 70  ? 26.726  -1.769  -32.834 1.00 0.00 ? 71   LYS L CA 1 
ATOM 438 C CA . THR H 8 71  ? 25.976  -5.471  -33.118 1.00 0.00 ? 72   THR L CA 1 
ATOM 439 C CA . PRO H 8 72  ? 24.258  -7.120  -30.115 1.00 0.00 ? 73   PRO L CA 1 
ATOM 440 C CA . PRO H 8 73  ? 26.481  -8.539  -27.332 1.00 0.00 ? 74   PRO L CA 1 
ATOM 441 C CA . ALA H 8 74  ? 27.971  -12.001 -27.740 1.00 0.00 ? 75   ALA L CA 1 
ATOM 442 C CA . SER H 8 75  ? 26.351  -13.215 -24.541 1.00 0.00 ? 76   SER L CA 1 
ATOM 443 C CA . PHE H 8 76  ? 23.002  -12.019 -25.928 1.00 0.00 ? 77   PHE L CA 1 
ATOM 444 C CA . LEU H 8 77  ? 23.297  -13.645 -29.336 1.00 0.00 ? 78   LEU L CA 1 
ATOM 445 C CA . LEU H 8 78  ? 24.520  -16.788 -27.548 1.00 0.00 ? 79   LEU L CA 1 
ATOM 446 C CA . LYS H 8 79  ? 21.533  -16.821 -25.200 1.00 0.00 ? 80   LYS L CA 1 
ATOM 447 C CA . LYS H 8 80  ? 19.265  -16.500 -28.219 1.00 0.00 ? 81   LYS L CA 1 
ATOM 448 C CA . ALA H 8 81  ? 21.087  -19.232 -30.129 1.00 0.00 ? 82   ALA L CA 1 
ATOM 449 C CA . ALA H 8 82  ? 20.937  -21.672 -27.210 1.00 0.00 ? 83   ALA L CA 1 
ATOM 450 C CA . GLY H 8 83  ? 17.287  -20.735 -26.864 1.00 0.00 ? 84   GLY L CA 1 
ATOM 451 C CA . ILE H 8 84  ? 17.842  -19.903 -23.202 1.00 0.00 ? 85   ILE L CA 1 
ATOM 452 C CA . GLU H 8 85  ? 16.982  -16.793 -21.173 1.00 0.00 ? 86   GLU L CA 1 
ATOM 453 C CA . LYS H 8 86  ? 19.958  -16.593 -18.817 1.00 0.00 ? 87   LYS L CA 1 
ATOM 454 C CA . GLY H 8 87  ? 23.529  -17.791 -18.576 1.00 0.00 ? 88   GLY L CA 1 
ATOM 455 C CA . SER H 8 88  ? 24.601  -20.428 -16.088 1.00 0.00 ? 89   SER L CA 1 
ATOM 456 C CA . SER H 8 89  ? 24.841  -19.112 -12.542 1.00 0.00 ? 90   SER L CA 1 
ATOM 457 C CA . GLU H 8 90  ? 28.037  -21.139 -12.373 1.00 0.00 ? 91   GLU L CA 1 
ATOM 458 C CA . PRO H 8 91  ? 29.706  -21.316 -15.824 1.00 0.00 ? 92   PRO L CA 1 
ATOM 459 C CA . LYS H 8 92  ? 31.489  -24.572 -16.632 1.00 0.00 ? 93   LYS L CA 1 
ATOM 460 C CA . ARG H 8 93  ? 30.225  -26.073 -13.371 1.00 0.00 ? 94   ARG L CA 1 
ATOM 461 C CA . LYS H 8 94  ? 26.674  -26.098 -14.752 1.00 0.00 ? 95   LYS L CA 1 
ATOM 462 C CA . ILE H 8 95  ? 25.811  -26.073 -18.429 1.00 0.00 ? 96   ILE L CA 1 
ATOM 463 C CA . VAL H 8 96  ? 22.461  -24.414 -19.078 1.00 0.00 ? 97   VAL L CA 1 
ATOM 464 C CA . GLY H 8 97  ? 22.459  -24.678 -22.842 1.00 0.00 ? 98   GLY L CA 1 
ATOM 465 C CA . LYS H 8 98  ? 24.353  -25.491 -26.009 1.00 0.00 ? 99   LYS L CA 1 
ATOM 466 C CA . VAL H 8 99  ? 24.977  -24.370 -29.570 1.00 0.00 ? 100  VAL L CA 1 
ATOM 467 C CA . THR H 8 100 ? 26.359  -25.970 -32.703 1.00 0.00 ? 101  THR L CA 1 
ATOM 468 C CA . ARG H 8 101 ? 29.739  -25.043 -34.162 1.00 0.00 ? 102  ARG L CA 1 
ATOM 469 C CA . LYS H 8 102 ? 27.848  -23.606 -37.114 1.00 0.00 ? 103  LYS L CA 1 
ATOM 470 C CA . GLN H 8 103 ? 25.954  -21.339 -34.721 1.00 0.00 ? 104  GLN L CA 1 
ATOM 471 C CA . ILE H 8 104 ? 29.231  -20.027 -33.334 1.00 0.00 ? 105  ILE L CA 1 
ATOM 472 C CA . GLU H 8 105 ? 30.094  -19.318 -36.965 1.00 0.00 ? 106  GLU L CA 1 
ATOM 473 C CA . GLU H 8 106 ? 26.849  -17.370 -37.424 1.00 0.00 ? 107  GLU L CA 1 
ATOM 474 C CA . ILE H 8 107 ? 27.341  -15.228 -34.343 1.00 0.00 ? 108  ILE L CA 1 
ATOM 475 C CA . ALA H 8 108 ? 31.007  -14.639 -35.129 1.00 0.00 ? 109  ALA L CA 1 
ATOM 476 C CA . LYS H 8 109 ? 29.883  -13.540 -38.585 1.00 0.00 ? 110  LYS L CA 1 
ATOM 477 C CA . THR H 8 110 ? 27.161  -11.317 -37.144 1.00 0.00 ? 111  THR L CA 1 
ATOM 478 C CA . LYS H 8 111 ? 29.505  -9.599  -34.703 1.00 0.00 ? 112  LYS L CA 1 
ATOM 479 C CA . MET H 8 112 ? 32.398  -9.424  -37.184 1.00 0.00 ? 113  MET L CA 1 
ATOM 480 C CA . PRO H 8 113 ? 32.076  -5.657  -37.743 1.00 0.00 ? 114  PRO L CA 1 
ATOM 481 C CA . ASP H 8 114 ? 32.735  -5.243  -34.018 1.00 0.00 ? 115  ASP L CA 1 
ATOM 482 C CA . LEU H 8 115 ? 35.307  -8.043  -33.762 1.00 0.00 ? 116  LEU L CA 1 
ATOM 483 C CA . ASN H 8 116 ? 39.026  -7.565  -34.382 1.00 0.00 ? 117  ASN L CA 1 
ATOM 484 C CA . ALA H 8 117 ? 39.755  -11.072 -35.671 1.00 0.00 ? 118  ALA L CA 1 
ATOM 485 C CA . ASN H 8 118 ? 41.650  -11.387 -38.948 1.00 0.00 ? 119  ASN L CA 1 
ATOM 486 C CA . SER H 8 119 ? 39.943  -14.681 -39.773 1.00 0.00 ? 120  SER L CA 1 
ATOM 487 C CA . LEU H 8 120 ? 36.528  -16.285 -39.328 1.00 0.00 ? 121  LEU L CA 1 
ATOM 488 C CA . GLU H 8 121 ? 38.349  -18.884 -37.250 1.00 0.00 ? 122  GLU L CA 1 
ATOM 489 C CA . ALA H 8 122 ? 39.699  -16.274 -34.850 1.00 0.00 ? 123  ALA L CA 1 
ATOM 490 C CA . ALA H 8 123 ? 36.224  -14.726 -34.709 1.00 0.00 ? 124  ALA L CA 1 
ATOM 491 C CA . MET H 8 124 ? 34.655  -18.020 -33.677 1.00 0.00 ? 125  MET L CA 1 
ATOM 492 C CA . LYS H 8 125 ? 37.381  -18.525 -31.101 1.00 0.00 ? 126  LYS L CA 1 
ATOM 493 C CA . ILE H 8 126 ? 36.361  -15.170 -29.652 1.00 0.00 ? 127  ILE L CA 1 
ATOM 494 C CA . ILE H 8 127 ? 32.670  -16.062 -29.533 1.00 0.00 ? 128  ILE L CA 1 
ATOM 495 C CA . GLU H 8 128 ? 33.481  -19.446 -27.995 1.00 0.00 ? 129  GLU L CA 1 
ATOM 496 C CA . GLY H 8 129 ? 35.311  -17.669 -25.229 1.00 0.00 ? 130  GLY L CA 1 
ATOM 497 C CA . THR H 8 130 ? 32.085  -15.899 -24.313 1.00 0.00 ? 131  THR L CA 1 
ATOM 498 C CA . ALA H 8 131 ? 29.963  -19.046 -24.536 1.00 0.00 ? 132  ALA L CA 1 
ATOM 499 C CA . LYS H 8 132 ? 32.435  -20.791 -22.247 1.00 0.00 ? 133  LYS L CA 1 
ATOM 500 C CA . SER H 8 133 ? 31.838  -17.981 -19.773 1.00 0.00 ? 134  SER L CA 1 
ATOM 501 C CA . MET H 8 134 ? 28.060  -18.382 -19.629 1.00 0.00 ? 135  MET L CA 1 
ATOM 502 C CA . GLY H 8 135 ? 27.667  -22.138 -19.350 1.00 0.00 ? 136  GLY L CA 1 
ATOM 503 C CA . ILE H 8 136 ? 26.820  -22.646 -23.013 1.00 0.00 ? 137  ILE L CA 1 
ATOM 504 C CA . GLU H 8 137 ? 28.424  -25.647 -24.702 1.00 0.00 ? 138  GLU L CA 1 
ATOM 505 C CA . VAL H 8 138 ? 29.347  -26.143 -28.352 1.00 0.00 ? 139  VAL L CA 1 
ATOM 506 C CA . VAL H 8 139 ? 28.443  -29.254 -30.365 1.00 0.00 ? 140  VAL L CA 1 
# 
